data_1FFM
# 
_entry.id   1FFM 
# 
_audit_conform.dict_name       mmcif_pdbx.dic 
_audit_conform.dict_version    5.398 
_audit_conform.dict_location   http://mmcif.pdb.org/dictionaries/ascii/mmcif_pdbx.dic 
# 
loop_
_database_2.database_id 
_database_2.database_code 
_database_2.pdbx_database_accession 
_database_2.pdbx_DOI 
PDB   1FFM         pdb_00001ffm 10.2210/pdb1ffm/pdb 
RCSB  RCSB000511   ?            ?                   
WWPDB D_1000000511 ?            ?                   
# 
loop_
_pdbx_audit_revision_history.ordinal 
_pdbx_audit_revision_history.data_content_type 
_pdbx_audit_revision_history.major_revision 
_pdbx_audit_revision_history.minor_revision 
_pdbx_audit_revision_history.revision_date 
1 'Structure model' 1 0 1999-06-16 
2 'Structure model' 1 1 2008-04-26 
3 'Structure model' 1 2 2011-07-13 
4 'Structure model' 1 3 2020-07-29 
5 'Structure model' 1 4 2023-12-27 
6 'Structure model' 1 5 2024-11-13 
# 
loop_
_pdbx_audit_revision_details.ordinal 
_pdbx_audit_revision_details.revision_ordinal 
_pdbx_audit_revision_details.data_content_type 
_pdbx_audit_revision_details.provider 
_pdbx_audit_revision_details.type 
_pdbx_audit_revision_details.description 
_pdbx_audit_revision_details.details 
1 1 'Structure model' repository 'Initial release' ?                          ? 
2 4 'Structure model' repository Remediation       'Carbohydrate remediation' ? 
# 
loop_
_pdbx_audit_revision_group.ordinal 
_pdbx_audit_revision_group.revision_ordinal 
_pdbx_audit_revision_group.data_content_type 
_pdbx_audit_revision_group.group 
1 2 'Structure model' 'Version format compliance' 
2 3 'Structure model' 'Version format compliance' 
3 4 'Structure model' 'Data collection'           
4 4 'Structure model' 'Derived calculations'      
5 4 'Structure model' 'Structure summary'         
6 5 'Structure model' 'Data collection'           
7 5 'Structure model' 'Database references'       
8 5 'Structure model' 'Structure summary'         
9 6 'Structure model' 'Structure summary'         
# 
loop_
_pdbx_audit_revision_category.ordinal 
_pdbx_audit_revision_category.revision_ordinal 
_pdbx_audit_revision_category.data_content_type 
_pdbx_audit_revision_category.category 
1  4 'Structure model' chem_comp                 
2  4 'Structure model' entity                    
3  4 'Structure model' pdbx_chem_comp_identifier 
4  4 'Structure model' pdbx_entity_nonpoly       
5  4 'Structure model' pdbx_nmr_software         
6  4 'Structure model' pdbx_struct_assembly      
7  4 'Structure model' pdbx_struct_oper_list     
8  4 'Structure model' struct_conn               
9  4 'Structure model' struct_site               
10 4 'Structure model' struct_site_gen           
11 5 'Structure model' chem_comp                 
12 5 'Structure model' chem_comp_atom            
13 5 'Structure model' chem_comp_bond            
14 5 'Structure model' database_2                
15 6 'Structure model' pdbx_entry_details        
16 6 'Structure model' pdbx_modification_feature 
# 
loop_
_pdbx_audit_revision_item.ordinal 
_pdbx_audit_revision_item.revision_ordinal 
_pdbx_audit_revision_item.data_content_type 
_pdbx_audit_revision_item.item 
1  4 'Structure model' '_chem_comp.name'                     
2  4 'Structure model' '_chem_comp.type'                     
3  4 'Structure model' '_entity.pdbx_description'            
4  4 'Structure model' '_pdbx_entity_nonpoly.name'           
5  4 'Structure model' '_pdbx_nmr_software.name'             
6  4 'Structure model' '_struct_conn.pdbx_leaving_atom_flag' 
7  4 'Structure model' '_struct_conn.pdbx_role'              
8  5 'Structure model' '_chem_comp.pdbx_synonyms'            
9  5 'Structure model' '_database_2.pdbx_DOI'                
10 5 'Structure model' '_database_2.pdbx_database_accession' 
# 
_pdbx_database_status.status_code                     REL 
_pdbx_database_status.entry_id                        1FFM 
_pdbx_database_status.recvd_initial_deposition_date   1999-02-19 
_pdbx_database_status.deposit_site                    BNL 
_pdbx_database_status.process_site                    RCSB 
_pdbx_database_status.status_code_mr                  REL 
_pdbx_database_status.SG_entry                        . 
_pdbx_database_status.pdb_format_compatible           Y 
_pdbx_database_status.status_code_sf                  ? 
_pdbx_database_status.status_code_cs                  ? 
_pdbx_database_status.status_code_nmr_data            ? 
_pdbx_database_status.methods_development_category    ? 
# 
loop_
_audit_author.name 
_audit_author.pdbx_ordinal 
'Kao, Y.-H.'        1 
'Lee, G.F.'         2 
'Wang, Y.'          3 
'Starovasnik, M.A.' 4 
'Kelley, R.F.'      5 
'Spellman, M.W.'    6 
'Lerner, L.'        7 
# 
_citation.id                        primary 
_citation.title                     
'The effect of O-fucosylation on the first EGF-like domain from human blood coagulation factor VII.' 
_citation.journal_abbrev            Biochemistry 
_citation.journal_volume            38 
_citation.page_first                7097 
_citation.page_last                 7110 
_citation.year                      1999 
_citation.journal_id_ASTM           BICHAW 
_citation.country                   US 
_citation.journal_id_ISSN           0006-2960 
_citation.journal_id_CSD            0033 
_citation.book_publisher            ? 
_citation.pdbx_database_id_PubMed   10353820 
_citation.pdbx_database_id_DOI      10.1021/bi990234z 
# 
loop_
_citation_author.citation_id 
_citation_author.name 
_citation_author.ordinal 
_citation_author.identifier_ORCID 
primary 'Kao, Y.H.'         1 ? 
primary 'Lee, G.F.'         2 ? 
primary 'Wang, Y.'          3 ? 
primary 'Starovasnik, M.A.' 4 ? 
primary 'Kelley, R.F.'      5 ? 
primary 'Spellman, M.W.'    6 ? 
primary 'Lerner, L.'        7 ? 
# 
loop_
_entity.id 
_entity.type 
_entity.src_method 
_entity.pdbx_description 
_entity.formula_weight 
_entity.pdbx_number_of_molecules 
_entity.pdbx_ec 
_entity.pdbx_mutation 
_entity.pdbx_fragment 
_entity.details 
1 polymer     man 'PROTEIN (Blood Coagulation Factor VII)' 4878.247 1 ? ? 
'FIRST EGF-LIKE DOMAIN (RESIDUES 45-87; FUCOSYLATED AT SER-60)' 'CALCIUM BOUND FORM' 
2 non-polymer man alpha-L-fucopyranose                     164.156  1 ? ? ? ?                    
# 
_entity_poly.entity_id                      1 
_entity_poly.type                           'polypeptide(L)' 
_entity_poly.nstd_linkage                   no 
_entity_poly.nstd_monomer                   no 
_entity_poly.pdbx_seq_one_letter_code       SDGDQCASSPCQNGGSCKDQLQSYICFCLPAFEGRNCETHKDDGSA 
_entity_poly.pdbx_seq_one_letter_code_can   SDGDQCASSPCQNGGSCKDQLQSYICFCLPAFEGRNCETHKDDGSA 
_entity_poly.pdbx_strand_id                 A 
_entity_poly.pdbx_target_identifier         ? 
# 
_pdbx_entity_nonpoly.entity_id   2 
_pdbx_entity_nonpoly.name        alpha-L-fucopyranose 
_pdbx_entity_nonpoly.comp_id     FUC 
# 
loop_
_entity_poly_seq.entity_id 
_entity_poly_seq.num 
_entity_poly_seq.mon_id 
_entity_poly_seq.hetero 
1 1  SER n 
1 2  ASP n 
1 3  GLY n 
1 4  ASP n 
1 5  GLN n 
1 6  CYS n 
1 7  ALA n 
1 8  SER n 
1 9  SER n 
1 10 PRO n 
1 11 CYS n 
1 12 GLN n 
1 13 ASN n 
1 14 GLY n 
1 15 GLY n 
1 16 SER n 
1 17 CYS n 
1 18 LYS n 
1 19 ASP n 
1 20 GLN n 
1 21 LEU n 
1 22 GLN n 
1 23 SER n 
1 24 TYR n 
1 25 ILE n 
1 26 CYS n 
1 27 PHE n 
1 28 CYS n 
1 29 LEU n 
1 30 PRO n 
1 31 ALA n 
1 32 PHE n 
1 33 GLU n 
1 34 GLY n 
1 35 ARG n 
1 36 ASN n 
1 37 CYS n 
1 38 GLU n 
1 39 THR n 
1 40 HIS n 
1 41 LYS n 
1 42 ASP n 
1 43 ASP n 
1 44 GLY n 
1 45 SER n 
1 46 ALA n 
# 
_entity_src_gen.entity_id                          1 
_entity_src_gen.pdbx_src_id                        1 
_entity_src_gen.pdbx_alt_source_flag               sample 
_entity_src_gen.pdbx_seq_type                      ? 
_entity_src_gen.pdbx_beg_seq_num                   ? 
_entity_src_gen.pdbx_end_seq_num                   ? 
_entity_src_gen.gene_src_common_name               human 
_entity_src_gen.gene_src_genus                     Homo 
_entity_src_gen.pdbx_gene_src_gene                 ? 
_entity_src_gen.gene_src_species                   ? 
_entity_src_gen.gene_src_strain                    ? 
_entity_src_gen.gene_src_tissue                    ? 
_entity_src_gen.gene_src_tissue_fraction           ? 
_entity_src_gen.gene_src_details                   ? 
_entity_src_gen.pdbx_gene_src_fragment             ? 
_entity_src_gen.pdbx_gene_src_scientific_name      'Homo sapiens' 
_entity_src_gen.pdbx_gene_src_ncbi_taxonomy_id     9606 
_entity_src_gen.pdbx_gene_src_variant              ? 
_entity_src_gen.pdbx_gene_src_cell_line            ? 
_entity_src_gen.pdbx_gene_src_atcc                 ? 
_entity_src_gen.pdbx_gene_src_organ                ? 
_entity_src_gen.pdbx_gene_src_organelle            ? 
_entity_src_gen.pdbx_gene_src_cell                 ? 
_entity_src_gen.pdbx_gene_src_cellular_location    ? 
_entity_src_gen.host_org_common_name               ? 
_entity_src_gen.pdbx_host_org_scientific_name      'Escherichia coli' 
_entity_src_gen.pdbx_host_org_ncbi_taxonomy_id     562 
_entity_src_gen.host_org_genus                     Escherichia 
_entity_src_gen.pdbx_host_org_gene                 ? 
_entity_src_gen.pdbx_host_org_organ                ? 
_entity_src_gen.host_org_species                   ? 
_entity_src_gen.pdbx_host_org_tissue               ? 
_entity_src_gen.pdbx_host_org_tissue_fraction      ? 
_entity_src_gen.pdbx_host_org_strain               ? 
_entity_src_gen.pdbx_host_org_variant              ? 
_entity_src_gen.pdbx_host_org_cell_line            ? 
_entity_src_gen.pdbx_host_org_atcc                 ? 
_entity_src_gen.pdbx_host_org_culture_collection   ? 
_entity_src_gen.pdbx_host_org_cell                 ? 
_entity_src_gen.pdbx_host_org_organelle            ? 
_entity_src_gen.pdbx_host_org_cellular_location    ? 
_entity_src_gen.pdbx_host_org_vector_type          ? 
_entity_src_gen.pdbx_host_org_vector               ? 
_entity_src_gen.host_org_details                   ? 
_entity_src_gen.expression_system_id               ? 
_entity_src_gen.plasmid_name                       ? 
_entity_src_gen.plasmid_details                    ? 
_entity_src_gen.pdbx_description                   ? 
# 
loop_
_chem_comp.id 
_chem_comp.type 
_chem_comp.mon_nstd_flag 
_chem_comp.name 
_chem_comp.pdbx_synonyms 
_chem_comp.formula 
_chem_comp.formula_weight 
ALA 'L-peptide linking'           y ALANINE              ?                                                                   
'C3 H7 N O2'     89.093  
ARG 'L-peptide linking'           y ARGININE             ?                                                                   
'C6 H15 N4 O2 1' 175.209 
ASN 'L-peptide linking'           y ASPARAGINE           ?                                                                   
'C4 H8 N2 O3'    132.118 
ASP 'L-peptide linking'           y 'ASPARTIC ACID'      ?                                                                   
'C4 H7 N O4'     133.103 
CYS 'L-peptide linking'           y CYSTEINE             ?                                                                   
'C3 H7 N O2 S'   121.158 
FUC 'L-saccharide, alpha linking' . alpha-L-fucopyranose 'alpha-L-fucose; 6-deoxy-alpha-L-galactopyranose; L-fucose; fucose' 
'C6 H12 O5'      164.156 
GLN 'L-peptide linking'           y GLUTAMINE            ?                                                                   
'C5 H10 N2 O3'   146.144 
GLU 'L-peptide linking'           y 'GLUTAMIC ACID'      ?                                                                   
'C5 H9 N O4'     147.129 
GLY 'peptide linking'             y GLYCINE              ?                                                                   
'C2 H5 N O2'     75.067  
HIS 'L-peptide linking'           y HISTIDINE            ?                                                                   
'C6 H10 N3 O2 1' 156.162 
ILE 'L-peptide linking'           y ISOLEUCINE           ?                                                                   
'C6 H13 N O2'    131.173 
LEU 'L-peptide linking'           y LEUCINE              ?                                                                   
'C6 H13 N O2'    131.173 
LYS 'L-peptide linking'           y LYSINE               ?                                                                   
'C6 H15 N2 O2 1' 147.195 
PHE 'L-peptide linking'           y PHENYLALANINE        ?                                                                   
'C9 H11 N O2'    165.189 
PRO 'L-peptide linking'           y PROLINE              ?                                                                   
'C5 H9 N O2'     115.130 
SER 'L-peptide linking'           y SERINE               ?                                                                   
'C3 H7 N O3'     105.093 
THR 'L-peptide linking'           y THREONINE            ?                                                                   
'C4 H9 N O3'     119.119 
TYR 'L-peptide linking'           y TYROSINE             ?                                                                   
'C9 H11 N O3'    181.189 
# 
loop_
_pdbx_chem_comp_identifier.comp_id 
_pdbx_chem_comp_identifier.type 
_pdbx_chem_comp_identifier.program 
_pdbx_chem_comp_identifier.program_version 
_pdbx_chem_comp_identifier.identifier 
FUC 'CONDENSED IUPAC CARBOHYDRATE SYMBOL' GMML     1.0 LFucpa           
FUC 'COMMON NAME'                         GMML     1.0 a-L-fucopyranose 
FUC 'IUPAC CARBOHYDRATE SYMBOL'           PDB-CARE 1.0 a-L-Fucp         
FUC 'SNFG CARBOHYDRATE SYMBOL'            GMML     1.0 Fuc              
# 
loop_
_pdbx_poly_seq_scheme.asym_id 
_pdbx_poly_seq_scheme.entity_id 
_pdbx_poly_seq_scheme.seq_id 
_pdbx_poly_seq_scheme.mon_id 
_pdbx_poly_seq_scheme.ndb_seq_num 
_pdbx_poly_seq_scheme.pdb_seq_num 
_pdbx_poly_seq_scheme.auth_seq_num 
_pdbx_poly_seq_scheme.pdb_mon_id 
_pdbx_poly_seq_scheme.auth_mon_id 
_pdbx_poly_seq_scheme.pdb_strand_id 
_pdbx_poly_seq_scheme.pdb_ins_code 
_pdbx_poly_seq_scheme.hetero 
A 1 1  SER 1  45 45 SER SER A . n 
A 1 2  ASP 2  46 46 ASP ASP A . n 
A 1 3  GLY 3  47 47 GLY GLY A . n 
A 1 4  ASP 4  48 48 ASP ASP A . n 
A 1 5  GLN 5  49 49 GLN GLN A . n 
A 1 6  CYS 6  50 50 CYS CYS A . n 
A 1 7  ALA 7  51 51 ALA ALA A . n 
A 1 8  SER 8  52 52 SER SER A . n 
A 1 9  SER 9  53 53 SER SER A . n 
A 1 10 PRO 10 54 54 PRO PRO A . n 
A 1 11 CYS 11 55 55 CYS CYS A . n 
A 1 12 GLN 12 56 56 GLN GLN A . n 
A 1 13 ASN 13 57 57 ASN ASN A . n 
A 1 14 GLY 14 58 58 GLY GLY A . n 
A 1 15 GLY 15 59 59 GLY GLY A . n 
A 1 16 SER 16 60 60 SER SER A . n 
A 1 17 CYS 17 61 61 CYS CYS A . n 
A 1 18 LYS 18 62 62 LYS LYS A . n 
A 1 19 ASP 19 63 63 ASP ASP A . n 
A 1 20 GLN 20 64 64 GLN GLN A . n 
A 1 21 LEU 21 65 65 LEU LEU A . n 
A 1 22 GLN 22 66 66 GLN GLN A . n 
A 1 23 SER 23 67 67 SER SER A . n 
A 1 24 TYR 24 68 68 TYR TYR A . n 
A 1 25 ILE 25 69 69 ILE ILE A . n 
A 1 26 CYS 26 70 70 CYS CYS A . n 
A 1 27 PHE 27 71 71 PHE PHE A . n 
A 1 28 CYS 28 72 72 CYS CYS A . n 
A 1 29 LEU 29 73 73 LEU LEU A . n 
A 1 30 PRO 30 74 74 PRO PRO A . n 
A 1 31 ALA 31 75 75 ALA ALA A . n 
A 1 32 PHE 32 76 76 PHE PHE A . n 
A 1 33 GLU 33 77 77 GLU GLU A . n 
A 1 34 GLY 34 78 78 GLY GLY A . n 
A 1 35 ARG 35 79 79 ARG ARG A . n 
A 1 36 ASN 36 80 80 ASN ASN A . n 
A 1 37 CYS 37 81 81 CYS CYS A . n 
A 1 38 GLU 38 82 82 GLU GLU A . n 
A 1 39 THR 39 83 83 THR THR A . n 
A 1 40 HIS 40 84 84 HIS HIS A . n 
A 1 41 LYS 41 85 85 LYS LYS A . n 
A 1 42 ASP 42 86 86 ASP ASP A . n 
A 1 43 ASP 43 87 87 ASP ASP A . n 
A 1 44 GLY 44 88 88 GLY GLY A . n 
A 1 45 SER 45 89 89 SER SER A . n 
A 1 46 ALA 46 90 90 ALA ALA A . n 
# 
_pdbx_nonpoly_scheme.asym_id         B 
_pdbx_nonpoly_scheme.entity_id       2 
_pdbx_nonpoly_scheme.mon_id          FUC 
_pdbx_nonpoly_scheme.ndb_seq_num     1 
_pdbx_nonpoly_scheme.pdb_seq_num     91 
_pdbx_nonpoly_scheme.auth_seq_num    91 
_pdbx_nonpoly_scheme.pdb_mon_id      FUC 
_pdbx_nonpoly_scheme.auth_mon_id     FUC 
_pdbx_nonpoly_scheme.pdb_strand_id   A 
_pdbx_nonpoly_scheme.pdb_ins_code    . 
# 
_cell.entry_id           1FFM 
_cell.length_a           1.000 
_cell.length_b           1.000 
_cell.length_c           1.000 
_cell.angle_alpha        90.00 
_cell.angle_beta         90.00 
_cell.angle_gamma        90.00 
_cell.Z_PDB              1 
_cell.pdbx_unique_axis   ? 
# 
_symmetry.entry_id                         1FFM 
_symmetry.space_group_name_H-M             'P 1' 
_symmetry.pdbx_full_space_group_name_H-M   ? 
_symmetry.cell_setting                     ? 
_symmetry.Int_Tables_number                1 
# 
_exptl.entry_id          1FFM 
_exptl.method            'SOLUTION NMR' 
_exptl.crystals_number   ? 
# 
_struct.entry_id                  1FFM 
_struct.title                     
'THE FIRST EGF-LIKE DOMAIN FROM HUMAN BLOOD COAGULATION FVII (FUCOSYLATED AT SER-60), NMR, MINIMIZED AVERAGE STRUCTURE' 
_struct.pdbx_model_details        ? 
_struct.pdbx_CASP_flag            ? 
_struct.pdbx_model_type_details   ? 
# 
_struct_keywords.entry_id        1FFM 
_struct_keywords.pdbx_keywords   'BLOOD CLOTTING' 
_struct_keywords.text            
'FACTOR VII, BLOOD COAGULATION, EGF-LIKE DOMAIN, GLYCOPROTEIN, FUCOSYLATION, O- LINKED FUCOSE, BLOOD CLOTTING' 
# 
loop_
_struct_asym.id 
_struct_asym.pdbx_blank_PDB_chainid_flag 
_struct_asym.pdbx_modified 
_struct_asym.entity_id 
_struct_asym.details 
A N N 1 ? 
B N N 2 ? 
# 
_struct_ref.id                         1 
_struct_ref.db_name                    UNP 
_struct_ref.db_code                    FA7_HUMAN 
_struct_ref.entity_id                  1 
_struct_ref.pdbx_db_accession          P08709 
_struct_ref.pdbx_db_isoform            ? 
_struct_ref.pdbx_seq_one_letter_code   ? 
_struct_ref.pdbx_align_begin           ? 
# 
_struct_ref_seq.align_id                      1 
_struct_ref_seq.ref_id                        1 
_struct_ref_seq.pdbx_PDB_id_code              1FFM 
_struct_ref_seq.pdbx_strand_id                A 
_struct_ref_seq.seq_align_beg                 1 
_struct_ref_seq.pdbx_seq_align_beg_ins_code   ? 
_struct_ref_seq.seq_align_end                 43 
_struct_ref_seq.pdbx_seq_align_end_ins_code   ? 
_struct_ref_seq.pdbx_db_accession             P08709 
_struct_ref_seq.db_align_beg                  83 
_struct_ref_seq.pdbx_db_align_beg_ins_code    ? 
_struct_ref_seq.db_align_end                  125 
_struct_ref_seq.pdbx_db_align_end_ins_code    ? 
_struct_ref_seq.pdbx_auth_seq_align_beg       45 
_struct_ref_seq.pdbx_auth_seq_align_end       87 
# 
loop_
_struct_ref_seq_dif.align_id 
_struct_ref_seq_dif.pdbx_pdb_id_code 
_struct_ref_seq_dif.mon_id 
_struct_ref_seq_dif.pdbx_pdb_strand_id 
_struct_ref_seq_dif.seq_num 
_struct_ref_seq_dif.pdbx_pdb_ins_code 
_struct_ref_seq_dif.pdbx_seq_db_name 
_struct_ref_seq_dif.pdbx_seq_db_accession_code 
_struct_ref_seq_dif.db_mon_id 
_struct_ref_seq_dif.pdbx_seq_db_seq_num 
_struct_ref_seq_dif.details 
_struct_ref_seq_dif.pdbx_auth_seq_num 
_struct_ref_seq_dif.pdbx_ordinal 
1 1FFM GLY A 44 ? UNP P08709 ? ? 'SEE REMARK 999' 88 1 
1 1FFM SER A 45 ? UNP P08709 ? ? 'SEE REMARK 999' 89 2 
1 1FFM ALA A 46 ? UNP P08709 ? ? 'SEE REMARK 999' 90 3 
# 
_pdbx_struct_assembly.id                   1 
_pdbx_struct_assembly.details              author_defined_assembly 
_pdbx_struct_assembly.method_details       ? 
_pdbx_struct_assembly.oligomeric_details   monomeric 
_pdbx_struct_assembly.oligomeric_count     1 
# 
_pdbx_struct_assembly_gen.assembly_id       1 
_pdbx_struct_assembly_gen.oper_expression   1 
_pdbx_struct_assembly_gen.asym_id_list      A,B 
# 
_pdbx_struct_oper_list.id                   1 
_pdbx_struct_oper_list.type                 'identity operation' 
_pdbx_struct_oper_list.name                 1_555 
_pdbx_struct_oper_list.symmetry_operation   x,y,z 
_pdbx_struct_oper_list.matrix[1][1]         1.0000000000 
_pdbx_struct_oper_list.matrix[1][2]         0.0000000000 
_pdbx_struct_oper_list.matrix[1][3]         0.0000000000 
_pdbx_struct_oper_list.vector[1]            0.0000000000 
_pdbx_struct_oper_list.matrix[2][1]         0.0000000000 
_pdbx_struct_oper_list.matrix[2][2]         1.0000000000 
_pdbx_struct_oper_list.matrix[2][3]         0.0000000000 
_pdbx_struct_oper_list.vector[2]            0.0000000000 
_pdbx_struct_oper_list.matrix[3][1]         0.0000000000 
_pdbx_struct_oper_list.matrix[3][2]         0.0000000000 
_pdbx_struct_oper_list.matrix[3][3]         1.0000000000 
_pdbx_struct_oper_list.vector[3]            0.0000000000 
# 
_struct_biol.id   1 
# 
loop_
_struct_conn.id 
_struct_conn.conn_type_id 
_struct_conn.pdbx_leaving_atom_flag 
_struct_conn.pdbx_PDB_id 
_struct_conn.ptnr1_label_asym_id 
_struct_conn.ptnr1_label_comp_id 
_struct_conn.ptnr1_label_seq_id 
_struct_conn.ptnr1_label_atom_id 
_struct_conn.pdbx_ptnr1_label_alt_id 
_struct_conn.pdbx_ptnr1_PDB_ins_code 
_struct_conn.pdbx_ptnr1_standard_comp_id 
_struct_conn.ptnr1_symmetry 
_struct_conn.ptnr2_label_asym_id 
_struct_conn.ptnr2_label_comp_id 
_struct_conn.ptnr2_label_seq_id 
_struct_conn.ptnr2_label_atom_id 
_struct_conn.pdbx_ptnr2_label_alt_id 
_struct_conn.pdbx_ptnr2_PDB_ins_code 
_struct_conn.ptnr1_auth_asym_id 
_struct_conn.ptnr1_auth_comp_id 
_struct_conn.ptnr1_auth_seq_id 
_struct_conn.ptnr2_auth_asym_id 
_struct_conn.ptnr2_auth_comp_id 
_struct_conn.ptnr2_auth_seq_id 
_struct_conn.ptnr2_symmetry 
_struct_conn.pdbx_ptnr3_label_atom_id 
_struct_conn.pdbx_ptnr3_label_seq_id 
_struct_conn.pdbx_ptnr3_label_comp_id 
_struct_conn.pdbx_ptnr3_label_asym_id 
_struct_conn.pdbx_ptnr3_label_alt_id 
_struct_conn.pdbx_ptnr3_PDB_ins_code 
_struct_conn.details 
_struct_conn.pdbx_dist_value 
_struct_conn.pdbx_value_order 
_struct_conn.pdbx_role 
disulf1 disulf ?   ? A CYS 6  SG ? ? ? 1_555 A CYS 17 SG ? ? A CYS 50 A CYS 61 1_555 ? ? ? ? ? ? ? 2.019 ? ?               
disulf2 disulf ?   ? A CYS 11 SG ? ? ? 1_555 A CYS 26 SG ? ? A CYS 55 A CYS 70 1_555 ? ? ? ? ? ? ? 2.020 ? ?               
disulf3 disulf ?   ? A CYS 28 SG ? ? ? 1_555 A CYS 37 SG ? ? A CYS 72 A CYS 81 1_555 ? ? ? ? ? ? ? 2.018 ? ?               
covale1 covale one ? A SER 16 OG ? ? ? 1_555 B FUC .  C1 ? ? A SER 60 A FUC 91 1_555 ? ? ? ? ? ? ? 1.398 ? O-Glycosylation 
# 
loop_
_struct_conn_type.id 
_struct_conn_type.criteria 
_struct_conn_type.reference 
disulf ? ? 
covale ? ? 
# 
loop_
_pdbx_modification_feature.ordinal 
_pdbx_modification_feature.label_comp_id 
_pdbx_modification_feature.label_asym_id 
_pdbx_modification_feature.label_seq_id 
_pdbx_modification_feature.label_alt_id 
_pdbx_modification_feature.modified_residue_label_comp_id 
_pdbx_modification_feature.modified_residue_label_asym_id 
_pdbx_modification_feature.modified_residue_label_seq_id 
_pdbx_modification_feature.modified_residue_label_alt_id 
_pdbx_modification_feature.auth_comp_id 
_pdbx_modification_feature.auth_asym_id 
_pdbx_modification_feature.auth_seq_id 
_pdbx_modification_feature.PDB_ins_code 
_pdbx_modification_feature.symmetry 
_pdbx_modification_feature.modified_residue_auth_comp_id 
_pdbx_modification_feature.modified_residue_auth_asym_id 
_pdbx_modification_feature.modified_residue_auth_seq_id 
_pdbx_modification_feature.modified_residue_PDB_ins_code 
_pdbx_modification_feature.modified_residue_symmetry 
_pdbx_modification_feature.comp_id_linking_atom 
_pdbx_modification_feature.modified_residue_id_linking_atom 
_pdbx_modification_feature.modified_residue_id 
_pdbx_modification_feature.ref_pcm_id 
_pdbx_modification_feature.ref_comp_id 
_pdbx_modification_feature.type 
_pdbx_modification_feature.category 
1 FUC B .  ? SER A 16 ? FUC A 91 ? 1_555 SER A 60 ? 1_555 C1 OG SER 1 FUC O-Glycosylation Carbohydrate       
2 CYS A 6  ? CYS A 17 ? CYS A 50 ? 1_555 CYS A 61 ? 1_555 SG SG .   . .   None            'Disulfide bridge' 
3 CYS A 11 ? CYS A 26 ? CYS A 55 ? 1_555 CYS A 70 ? 1_555 SG SG .   . .   None            'Disulfide bridge' 
4 CYS A 28 ? CYS A 37 ? CYS A 72 ? 1_555 CYS A 81 ? 1_555 SG SG .   . .   None            'Disulfide bridge' 
# 
loop_
_struct_sheet.id 
_struct_sheet.type 
_struct_sheet.number_strands 
_struct_sheet.details 
S1 ? 2 ? 
S2 ? 2 ? 
# 
loop_
_struct_sheet_order.sheet_id 
_struct_sheet_order.range_id_1 
_struct_sheet_order.range_id_2 
_struct_sheet_order.offset 
_struct_sheet_order.sense 
S1 1 2 ? anti-parallel 
S2 1 2 ? anti-parallel 
# 
loop_
_struct_sheet_range.sheet_id 
_struct_sheet_range.id 
_struct_sheet_range.beg_label_comp_id 
_struct_sheet_range.beg_label_asym_id 
_struct_sheet_range.beg_label_seq_id 
_struct_sheet_range.pdbx_beg_PDB_ins_code 
_struct_sheet_range.end_label_comp_id 
_struct_sheet_range.end_label_asym_id 
_struct_sheet_range.end_label_seq_id 
_struct_sheet_range.pdbx_end_PDB_ins_code 
_struct_sheet_range.beg_auth_comp_id 
_struct_sheet_range.beg_auth_asym_id 
_struct_sheet_range.beg_auth_seq_id 
_struct_sheet_range.end_auth_comp_id 
_struct_sheet_range.end_auth_asym_id 
_struct_sheet_range.end_auth_seq_id 
S1 1 SER A 16 ? ASP A 19 ? SER A 60 ASP A 63 
S1 2 TYR A 24 ? PHE A 27 ? TYR A 68 PHE A 71 
S2 1 PHE A 32 ? GLU A 33 ? PHE A 76 GLU A 77 
S2 2 THR A 39 ? HIS A 40 ? THR A 83 HIS A 84 
# 
_pdbx_entry_details.entry_id                   1FFM 
_pdbx_entry_details.compound_details           ? 
_pdbx_entry_details.source_details             ? 
_pdbx_entry_details.nonpolymer_details         ? 
_pdbx_entry_details.sequence_details           ? 
_pdbx_entry_details.has_ligand_of_interest     ? 
_pdbx_entry_details.has_protein_modification   Y 
# 
loop_
_pdbx_validate_torsion.id 
_pdbx_validate_torsion.PDB_model_num 
_pdbx_validate_torsion.auth_comp_id 
_pdbx_validate_torsion.auth_asym_id 
_pdbx_validate_torsion.auth_seq_id 
_pdbx_validate_torsion.PDB_ins_code 
_pdbx_validate_torsion.label_alt_id 
_pdbx_validate_torsion.phi 
_pdbx_validate_torsion.psi 
1 1 SER A 53 ? ? 50.51   83.38   
2 1 GLN A 66 ? ? 56.68   -85.67  
3 1 SER A 67 ? ? -96.10  -157.42 
4 1 TYR A 68 ? ? -128.71 -170.00 
5 1 CYS A 72 ? ? -126.77 -168.94 
# 
_pdbx_struct_mod_residue.id               1 
_pdbx_struct_mod_residue.label_asym_id    A 
_pdbx_struct_mod_residue.label_comp_id    SER 
_pdbx_struct_mod_residue.label_seq_id     16 
_pdbx_struct_mod_residue.auth_asym_id     A 
_pdbx_struct_mod_residue.auth_comp_id     SER 
_pdbx_struct_mod_residue.auth_seq_id      60 
_pdbx_struct_mod_residue.PDB_ins_code     ? 
_pdbx_struct_mod_residue.parent_comp_id   SER 
_pdbx_struct_mod_residue.details          'GLYCOSYLATION SITE' 
# 
_pdbx_nmr_ensemble.entry_id                                      1FFM 
_pdbx_nmr_ensemble.conformers_calculated_total_number            100 
_pdbx_nmr_ensemble.conformers_submitted_total_number             1 
_pdbx_nmr_ensemble.conformer_selection_criteria                  ? 
_pdbx_nmr_ensemble.average_constraints_per_residue               ? 
_pdbx_nmr_ensemble.average_constraint_violations_per_residue     ? 
_pdbx_nmr_ensemble.maximum_distance_constraint_violation         ? 
_pdbx_nmr_ensemble.average_distance_constraint_violation         ? 
_pdbx_nmr_ensemble.maximum_upper_distance_constraint_violation   ? 
_pdbx_nmr_ensemble.maximum_lower_distance_constraint_violation   ? 
_pdbx_nmr_ensemble.distance_constraint_violation_method          ? 
_pdbx_nmr_ensemble.maximum_torsion_angle_constraint_violation    ? 
_pdbx_nmr_ensemble.average_torsion_angle_constraint_violation    ? 
_pdbx_nmr_ensemble.torsion_angle_constraint_violation_method     ? 
# 
_pdbx_nmr_exptl_sample_conditions.conditions_id       1 
_pdbx_nmr_exptl_sample_conditions.temperature         298 
_pdbx_nmr_exptl_sample_conditions.pressure            1 
_pdbx_nmr_exptl_sample_conditions.pH                  5.5 
_pdbx_nmr_exptl_sample_conditions.ionic_strength      400mM 
_pdbx_nmr_exptl_sample_conditions.pressure_units      atm 
_pdbx_nmr_exptl_sample_conditions.temperature_units   K 
# 
loop_
_pdbx_nmr_exptl.experiment_id 
_pdbx_nmr_exptl.conditions_id 
_pdbx_nmr_exptl.type 
_pdbx_nmr_exptl.solution_id 
1 1 DQF-COSY               1 
2 1 2Q                     1 
3 1 TOCSY                  1 
4 1 NOESY                  1 
5 1 '1H-15N HSQC'          1 
6 1 '3D 1H-15N NOESY-HSQC' 1 
7 1 '3D 1H-15N TOCSY-HSQC' 1 
# 
_pdbx_nmr_details.entry_id   1FFM 
_pdbx_nmr_details.text       'DETAILS ARE INCLUDED IN THE PUBLICATION.' 
# 
_pdbx_nmr_refine.entry_id           1FFM 
_pdbx_nmr_refine.method             'HYBRID DISTANCE GEOMETRY - SIMULATED ANNEALING' 
_pdbx_nmr_refine.details            'REFINEMENT DETAILS CAN BE FOUND IN THE JRNL CITATION ABOVE.' 
_pdbx_nmr_refine.software_ordinal   1 
# 
loop_
_pdbx_nmr_software.classification 
_pdbx_nmr_software.name 
_pdbx_nmr_software.version 
_pdbx_nmr_software.authors 
_pdbx_nmr_software.ordinal 
refinement           X-PLOR 3.851 BRUNGER 1 
'structure solution' Felix  ?     ?       2 
'structure solution' X-PLOR ?     ?       3 
# 
loop_
_chem_comp_atom.comp_id 
_chem_comp_atom.atom_id 
_chem_comp_atom.type_symbol 
_chem_comp_atom.pdbx_aromatic_flag 
_chem_comp_atom.pdbx_stereo_config 
_chem_comp_atom.pdbx_ordinal 
ALA N    N N N 1   
ALA CA   C N S 2   
ALA C    C N N 3   
ALA O    O N N 4   
ALA CB   C N N 5   
ALA OXT  O N N 6   
ALA H    H N N 7   
ALA H2   H N N 8   
ALA HA   H N N 9   
ALA HB1  H N N 10  
ALA HB2  H N N 11  
ALA HB3  H N N 12  
ALA HXT  H N N 13  
ARG N    N N N 14  
ARG CA   C N S 15  
ARG C    C N N 16  
ARG O    O N N 17  
ARG CB   C N N 18  
ARG CG   C N N 19  
ARG CD   C N N 20  
ARG NE   N N N 21  
ARG CZ   C N N 22  
ARG NH1  N N N 23  
ARG NH2  N N N 24  
ARG OXT  O N N 25  
ARG H    H N N 26  
ARG H2   H N N 27  
ARG HA   H N N 28  
ARG HB2  H N N 29  
ARG HB3  H N N 30  
ARG HG2  H N N 31  
ARG HG3  H N N 32  
ARG HD2  H N N 33  
ARG HD3  H N N 34  
ARG HE   H N N 35  
ARG HH11 H N N 36  
ARG HH12 H N N 37  
ARG HH21 H N N 38  
ARG HH22 H N N 39  
ARG HXT  H N N 40  
ASN N    N N N 41  
ASN CA   C N S 42  
ASN C    C N N 43  
ASN O    O N N 44  
ASN CB   C N N 45  
ASN CG   C N N 46  
ASN OD1  O N N 47  
ASN ND2  N N N 48  
ASN OXT  O N N 49  
ASN H    H N N 50  
ASN H2   H N N 51  
ASN HA   H N N 52  
ASN HB2  H N N 53  
ASN HB3  H N N 54  
ASN HD21 H N N 55  
ASN HD22 H N N 56  
ASN HXT  H N N 57  
ASP N    N N N 58  
ASP CA   C N S 59  
ASP C    C N N 60  
ASP O    O N N 61  
ASP CB   C N N 62  
ASP CG   C N N 63  
ASP OD1  O N N 64  
ASP OD2  O N N 65  
ASP OXT  O N N 66  
ASP H    H N N 67  
ASP H2   H N N 68  
ASP HA   H N N 69  
ASP HB2  H N N 70  
ASP HB3  H N N 71  
ASP HD2  H N N 72  
ASP HXT  H N N 73  
CYS N    N N N 74  
CYS CA   C N R 75  
CYS C    C N N 76  
CYS O    O N N 77  
CYS CB   C N N 78  
CYS SG   S N N 79  
CYS OXT  O N N 80  
CYS H    H N N 81  
CYS H2   H N N 82  
CYS HA   H N N 83  
CYS HB2  H N N 84  
CYS HB3  H N N 85  
CYS HG   H N N 86  
CYS HXT  H N N 87  
FUC C1   C N R 88  
FUC C2   C N S 89  
FUC C3   C N R 90  
FUC C4   C N S 91  
FUC C5   C N S 92  
FUC C6   C N N 93  
FUC O1   O N N 94  
FUC O2   O N N 95  
FUC O3   O N N 96  
FUC O4   O N N 97  
FUC O5   O N N 98  
FUC H1   H N N 99  
FUC H2   H N N 100 
FUC H3   H N N 101 
FUC H4   H N N 102 
FUC H5   H N N 103 
FUC H61  H N N 104 
FUC H62  H N N 105 
FUC H63  H N N 106 
FUC HO1  H N N 107 
FUC HO2  H N N 108 
FUC HO3  H N N 109 
FUC HO4  H N N 110 
GLN N    N N N 111 
GLN CA   C N S 112 
GLN C    C N N 113 
GLN O    O N N 114 
GLN CB   C N N 115 
GLN CG   C N N 116 
GLN CD   C N N 117 
GLN OE1  O N N 118 
GLN NE2  N N N 119 
GLN OXT  O N N 120 
GLN H    H N N 121 
GLN H2   H N N 122 
GLN HA   H N N 123 
GLN HB2  H N N 124 
GLN HB3  H N N 125 
GLN HG2  H N N 126 
GLN HG3  H N N 127 
GLN HE21 H N N 128 
GLN HE22 H N N 129 
GLN HXT  H N N 130 
GLU N    N N N 131 
GLU CA   C N S 132 
GLU C    C N N 133 
GLU O    O N N 134 
GLU CB   C N N 135 
GLU CG   C N N 136 
GLU CD   C N N 137 
GLU OE1  O N N 138 
GLU OE2  O N N 139 
GLU OXT  O N N 140 
GLU H    H N N 141 
GLU H2   H N N 142 
GLU HA   H N N 143 
GLU HB2  H N N 144 
GLU HB3  H N N 145 
GLU HG2  H N N 146 
GLU HG3  H N N 147 
GLU HE2  H N N 148 
GLU HXT  H N N 149 
GLY N    N N N 150 
GLY CA   C N N 151 
GLY C    C N N 152 
GLY O    O N N 153 
GLY OXT  O N N 154 
GLY H    H N N 155 
GLY H2   H N N 156 
GLY HA2  H N N 157 
GLY HA3  H N N 158 
GLY HXT  H N N 159 
HIS N    N N N 160 
HIS CA   C N S 161 
HIS C    C N N 162 
HIS O    O N N 163 
HIS CB   C N N 164 
HIS CG   C Y N 165 
HIS ND1  N Y N 166 
HIS CD2  C Y N 167 
HIS CE1  C Y N 168 
HIS NE2  N Y N 169 
HIS OXT  O N N 170 
HIS H    H N N 171 
HIS H2   H N N 172 
HIS HA   H N N 173 
HIS HB2  H N N 174 
HIS HB3  H N N 175 
HIS HD1  H N N 176 
HIS HD2  H N N 177 
HIS HE1  H N N 178 
HIS HE2  H N N 179 
HIS HXT  H N N 180 
ILE N    N N N 181 
ILE CA   C N S 182 
ILE C    C N N 183 
ILE O    O N N 184 
ILE CB   C N S 185 
ILE CG1  C N N 186 
ILE CG2  C N N 187 
ILE CD1  C N N 188 
ILE OXT  O N N 189 
ILE H    H N N 190 
ILE H2   H N N 191 
ILE HA   H N N 192 
ILE HB   H N N 193 
ILE HG12 H N N 194 
ILE HG13 H N N 195 
ILE HG21 H N N 196 
ILE HG22 H N N 197 
ILE HG23 H N N 198 
ILE HD11 H N N 199 
ILE HD12 H N N 200 
ILE HD13 H N N 201 
ILE HXT  H N N 202 
LEU N    N N N 203 
LEU CA   C N S 204 
LEU C    C N N 205 
LEU O    O N N 206 
LEU CB   C N N 207 
LEU CG   C N N 208 
LEU CD1  C N N 209 
LEU CD2  C N N 210 
LEU OXT  O N N 211 
LEU H    H N N 212 
LEU H2   H N N 213 
LEU HA   H N N 214 
LEU HB2  H N N 215 
LEU HB3  H N N 216 
LEU HG   H N N 217 
LEU HD11 H N N 218 
LEU HD12 H N N 219 
LEU HD13 H N N 220 
LEU HD21 H N N 221 
LEU HD22 H N N 222 
LEU HD23 H N N 223 
LEU HXT  H N N 224 
LYS N    N N N 225 
LYS CA   C N S 226 
LYS C    C N N 227 
LYS O    O N N 228 
LYS CB   C N N 229 
LYS CG   C N N 230 
LYS CD   C N N 231 
LYS CE   C N N 232 
LYS NZ   N N N 233 
LYS OXT  O N N 234 
LYS H    H N N 235 
LYS H2   H N N 236 
LYS HA   H N N 237 
LYS HB2  H N N 238 
LYS HB3  H N N 239 
LYS HG2  H N N 240 
LYS HG3  H N N 241 
LYS HD2  H N N 242 
LYS HD3  H N N 243 
LYS HE2  H N N 244 
LYS HE3  H N N 245 
LYS HZ1  H N N 246 
LYS HZ2  H N N 247 
LYS HZ3  H N N 248 
LYS HXT  H N N 249 
PHE N    N N N 250 
PHE CA   C N S 251 
PHE C    C N N 252 
PHE O    O N N 253 
PHE CB   C N N 254 
PHE CG   C Y N 255 
PHE CD1  C Y N 256 
PHE CD2  C Y N 257 
PHE CE1  C Y N 258 
PHE CE2  C Y N 259 
PHE CZ   C Y N 260 
PHE OXT  O N N 261 
PHE H    H N N 262 
PHE H2   H N N 263 
PHE HA   H N N 264 
PHE HB2  H N N 265 
PHE HB3  H N N 266 
PHE HD1  H N N 267 
PHE HD2  H N N 268 
PHE HE1  H N N 269 
PHE HE2  H N N 270 
PHE HZ   H N N 271 
PHE HXT  H N N 272 
PRO N    N N N 273 
PRO CA   C N S 274 
PRO C    C N N 275 
PRO O    O N N 276 
PRO CB   C N N 277 
PRO CG   C N N 278 
PRO CD   C N N 279 
PRO OXT  O N N 280 
PRO H    H N N 281 
PRO HA   H N N 282 
PRO HB2  H N N 283 
PRO HB3  H N N 284 
PRO HG2  H N N 285 
PRO HG3  H N N 286 
PRO HD2  H N N 287 
PRO HD3  H N N 288 
PRO HXT  H N N 289 
SER N    N N N 290 
SER CA   C N S 291 
SER C    C N N 292 
SER O    O N N 293 
SER CB   C N N 294 
SER OG   O N N 295 
SER OXT  O N N 296 
SER H    H N N 297 
SER H2   H N N 298 
SER HA   H N N 299 
SER HB2  H N N 300 
SER HB3  H N N 301 
SER HG   H N N 302 
SER HXT  H N N 303 
THR N    N N N 304 
THR CA   C N S 305 
THR C    C N N 306 
THR O    O N N 307 
THR CB   C N R 308 
THR OG1  O N N 309 
THR CG2  C N N 310 
THR OXT  O N N 311 
THR H    H N N 312 
THR H2   H N N 313 
THR HA   H N N 314 
THR HB   H N N 315 
THR HG1  H N N 316 
THR HG21 H N N 317 
THR HG22 H N N 318 
THR HG23 H N N 319 
THR HXT  H N N 320 
TYR N    N N N 321 
TYR CA   C N S 322 
TYR C    C N N 323 
TYR O    O N N 324 
TYR CB   C N N 325 
TYR CG   C Y N 326 
TYR CD1  C Y N 327 
TYR CD2  C Y N 328 
TYR CE1  C Y N 329 
TYR CE2  C Y N 330 
TYR CZ   C Y N 331 
TYR OH   O N N 332 
TYR OXT  O N N 333 
TYR H    H N N 334 
TYR H2   H N N 335 
TYR HA   H N N 336 
TYR HB2  H N N 337 
TYR HB3  H N N 338 
TYR HD1  H N N 339 
TYR HD2  H N N 340 
TYR HE1  H N N 341 
TYR HE2  H N N 342 
TYR HH   H N N 343 
TYR HXT  H N N 344 
# 
loop_
_chem_comp_bond.comp_id 
_chem_comp_bond.atom_id_1 
_chem_comp_bond.atom_id_2 
_chem_comp_bond.value_order 
_chem_comp_bond.pdbx_aromatic_flag 
_chem_comp_bond.pdbx_stereo_config 
_chem_comp_bond.pdbx_ordinal 
ALA N   CA   sing N N 1   
ALA N   H    sing N N 2   
ALA N   H2   sing N N 3   
ALA CA  C    sing N N 4   
ALA CA  CB   sing N N 5   
ALA CA  HA   sing N N 6   
ALA C   O    doub N N 7   
ALA C   OXT  sing N N 8   
ALA CB  HB1  sing N N 9   
ALA CB  HB2  sing N N 10  
ALA CB  HB3  sing N N 11  
ALA OXT HXT  sing N N 12  
ARG N   CA   sing N N 13  
ARG N   H    sing N N 14  
ARG N   H2   sing N N 15  
ARG CA  C    sing N N 16  
ARG CA  CB   sing N N 17  
ARG CA  HA   sing N N 18  
ARG C   O    doub N N 19  
ARG C   OXT  sing N N 20  
ARG CB  CG   sing N N 21  
ARG CB  HB2  sing N N 22  
ARG CB  HB3  sing N N 23  
ARG CG  CD   sing N N 24  
ARG CG  HG2  sing N N 25  
ARG CG  HG3  sing N N 26  
ARG CD  NE   sing N N 27  
ARG CD  HD2  sing N N 28  
ARG CD  HD3  sing N N 29  
ARG NE  CZ   sing N N 30  
ARG NE  HE   sing N N 31  
ARG CZ  NH1  sing N N 32  
ARG CZ  NH2  doub N N 33  
ARG NH1 HH11 sing N N 34  
ARG NH1 HH12 sing N N 35  
ARG NH2 HH21 sing N N 36  
ARG NH2 HH22 sing N N 37  
ARG OXT HXT  sing N N 38  
ASN N   CA   sing N N 39  
ASN N   H    sing N N 40  
ASN N   H2   sing N N 41  
ASN CA  C    sing N N 42  
ASN CA  CB   sing N N 43  
ASN CA  HA   sing N N 44  
ASN C   O    doub N N 45  
ASN C   OXT  sing N N 46  
ASN CB  CG   sing N N 47  
ASN CB  HB2  sing N N 48  
ASN CB  HB3  sing N N 49  
ASN CG  OD1  doub N N 50  
ASN CG  ND2  sing N N 51  
ASN ND2 HD21 sing N N 52  
ASN ND2 HD22 sing N N 53  
ASN OXT HXT  sing N N 54  
ASP N   CA   sing N N 55  
ASP N   H    sing N N 56  
ASP N   H2   sing N N 57  
ASP CA  C    sing N N 58  
ASP CA  CB   sing N N 59  
ASP CA  HA   sing N N 60  
ASP C   O    doub N N 61  
ASP C   OXT  sing N N 62  
ASP CB  CG   sing N N 63  
ASP CB  HB2  sing N N 64  
ASP CB  HB3  sing N N 65  
ASP CG  OD1  doub N N 66  
ASP CG  OD2  sing N N 67  
ASP OD2 HD2  sing N N 68  
ASP OXT HXT  sing N N 69  
CYS N   CA   sing N N 70  
CYS N   H    sing N N 71  
CYS N   H2   sing N N 72  
CYS CA  C    sing N N 73  
CYS CA  CB   sing N N 74  
CYS CA  HA   sing N N 75  
CYS C   O    doub N N 76  
CYS C   OXT  sing N N 77  
CYS CB  SG   sing N N 78  
CYS CB  HB2  sing N N 79  
CYS CB  HB3  sing N N 80  
CYS SG  HG   sing N N 81  
CYS OXT HXT  sing N N 82  
FUC C1  C2   sing N N 83  
FUC C1  O1   sing N N 84  
FUC C1  O5   sing N N 85  
FUC C1  H1   sing N N 86  
FUC C2  C3   sing N N 87  
FUC C2  O2   sing N N 88  
FUC C2  H2   sing N N 89  
FUC C3  C4   sing N N 90  
FUC C3  O3   sing N N 91  
FUC C3  H3   sing N N 92  
FUC C4  C5   sing N N 93  
FUC C4  O4   sing N N 94  
FUC C4  H4   sing N N 95  
FUC C5  C6   sing N N 96  
FUC C5  O5   sing N N 97  
FUC C5  H5   sing N N 98  
FUC C6  H61  sing N N 99  
FUC C6  H62  sing N N 100 
FUC C6  H63  sing N N 101 
FUC O1  HO1  sing N N 102 
FUC O2  HO2  sing N N 103 
FUC O3  HO3  sing N N 104 
FUC O4  HO4  sing N N 105 
GLN N   CA   sing N N 106 
GLN N   H    sing N N 107 
GLN N   H2   sing N N 108 
GLN CA  C    sing N N 109 
GLN CA  CB   sing N N 110 
GLN CA  HA   sing N N 111 
GLN C   O    doub N N 112 
GLN C   OXT  sing N N 113 
GLN CB  CG   sing N N 114 
GLN CB  HB2  sing N N 115 
GLN CB  HB3  sing N N 116 
GLN CG  CD   sing N N 117 
GLN CG  HG2  sing N N 118 
GLN CG  HG3  sing N N 119 
GLN CD  OE1  doub N N 120 
GLN CD  NE2  sing N N 121 
GLN NE2 HE21 sing N N 122 
GLN NE2 HE22 sing N N 123 
GLN OXT HXT  sing N N 124 
GLU N   CA   sing N N 125 
GLU N   H    sing N N 126 
GLU N   H2   sing N N 127 
GLU CA  C    sing N N 128 
GLU CA  CB   sing N N 129 
GLU CA  HA   sing N N 130 
GLU C   O    doub N N 131 
GLU C   OXT  sing N N 132 
GLU CB  CG   sing N N 133 
GLU CB  HB2  sing N N 134 
GLU CB  HB3  sing N N 135 
GLU CG  CD   sing N N 136 
GLU CG  HG2  sing N N 137 
GLU CG  HG3  sing N N 138 
GLU CD  OE1  doub N N 139 
GLU CD  OE2  sing N N 140 
GLU OE2 HE2  sing N N 141 
GLU OXT HXT  sing N N 142 
GLY N   CA   sing N N 143 
GLY N   H    sing N N 144 
GLY N   H2   sing N N 145 
GLY CA  C    sing N N 146 
GLY CA  HA2  sing N N 147 
GLY CA  HA3  sing N N 148 
GLY C   O    doub N N 149 
GLY C   OXT  sing N N 150 
GLY OXT HXT  sing N N 151 
HIS N   CA   sing N N 152 
HIS N   H    sing N N 153 
HIS N   H2   sing N N 154 
HIS CA  C    sing N N 155 
HIS CA  CB   sing N N 156 
HIS CA  HA   sing N N 157 
HIS C   O    doub N N 158 
HIS C   OXT  sing N N 159 
HIS CB  CG   sing N N 160 
HIS CB  HB2  sing N N 161 
HIS CB  HB3  sing N N 162 
HIS CG  ND1  sing Y N 163 
HIS CG  CD2  doub Y N 164 
HIS ND1 CE1  doub Y N 165 
HIS ND1 HD1  sing N N 166 
HIS CD2 NE2  sing Y N 167 
HIS CD2 HD2  sing N N 168 
HIS CE1 NE2  sing Y N 169 
HIS CE1 HE1  sing N N 170 
HIS NE2 HE2  sing N N 171 
HIS OXT HXT  sing N N 172 
ILE N   CA   sing N N 173 
ILE N   H    sing N N 174 
ILE N   H2   sing N N 175 
ILE CA  C    sing N N 176 
ILE CA  CB   sing N N 177 
ILE CA  HA   sing N N 178 
ILE C   O    doub N N 179 
ILE C   OXT  sing N N 180 
ILE CB  CG1  sing N N 181 
ILE CB  CG2  sing N N 182 
ILE CB  HB   sing N N 183 
ILE CG1 CD1  sing N N 184 
ILE CG1 HG12 sing N N 185 
ILE CG1 HG13 sing N N 186 
ILE CG2 HG21 sing N N 187 
ILE CG2 HG22 sing N N 188 
ILE CG2 HG23 sing N N 189 
ILE CD1 HD11 sing N N 190 
ILE CD1 HD12 sing N N 191 
ILE CD1 HD13 sing N N 192 
ILE OXT HXT  sing N N 193 
LEU N   CA   sing N N 194 
LEU N   H    sing N N 195 
LEU N   H2   sing N N 196 
LEU CA  C    sing N N 197 
LEU CA  CB   sing N N 198 
LEU CA  HA   sing N N 199 
LEU C   O    doub N N 200 
LEU C   OXT  sing N N 201 
LEU CB  CG   sing N N 202 
LEU CB  HB2  sing N N 203 
LEU CB  HB3  sing N N 204 
LEU CG  CD1  sing N N 205 
LEU CG  CD2  sing N N 206 
LEU CG  HG   sing N N 207 
LEU CD1 HD11 sing N N 208 
LEU CD1 HD12 sing N N 209 
LEU CD1 HD13 sing N N 210 
LEU CD2 HD21 sing N N 211 
LEU CD2 HD22 sing N N 212 
LEU CD2 HD23 sing N N 213 
LEU OXT HXT  sing N N 214 
LYS N   CA   sing N N 215 
LYS N   H    sing N N 216 
LYS N   H2   sing N N 217 
LYS CA  C    sing N N 218 
LYS CA  CB   sing N N 219 
LYS CA  HA   sing N N 220 
LYS C   O    doub N N 221 
LYS C   OXT  sing N N 222 
LYS CB  CG   sing N N 223 
LYS CB  HB2  sing N N 224 
LYS CB  HB3  sing N N 225 
LYS CG  CD   sing N N 226 
LYS CG  HG2  sing N N 227 
LYS CG  HG3  sing N N 228 
LYS CD  CE   sing N N 229 
LYS CD  HD2  sing N N 230 
LYS CD  HD3  sing N N 231 
LYS CE  NZ   sing N N 232 
LYS CE  HE2  sing N N 233 
LYS CE  HE3  sing N N 234 
LYS NZ  HZ1  sing N N 235 
LYS NZ  HZ2  sing N N 236 
LYS NZ  HZ3  sing N N 237 
LYS OXT HXT  sing N N 238 
PHE N   CA   sing N N 239 
PHE N   H    sing N N 240 
PHE N   H2   sing N N 241 
PHE CA  C    sing N N 242 
PHE CA  CB   sing N N 243 
PHE CA  HA   sing N N 244 
PHE C   O    doub N N 245 
PHE C   OXT  sing N N 246 
PHE CB  CG   sing N N 247 
PHE CB  HB2  sing N N 248 
PHE CB  HB3  sing N N 249 
PHE CG  CD1  doub Y N 250 
PHE CG  CD2  sing Y N 251 
PHE CD1 CE1  sing Y N 252 
PHE CD1 HD1  sing N N 253 
PHE CD2 CE2  doub Y N 254 
PHE CD2 HD2  sing N N 255 
PHE CE1 CZ   doub Y N 256 
PHE CE1 HE1  sing N N 257 
PHE CE2 CZ   sing Y N 258 
PHE CE2 HE2  sing N N 259 
PHE CZ  HZ   sing N N 260 
PHE OXT HXT  sing N N 261 
PRO N   CA   sing N N 262 
PRO N   CD   sing N N 263 
PRO N   H    sing N N 264 
PRO CA  C    sing N N 265 
PRO CA  CB   sing N N 266 
PRO CA  HA   sing N N 267 
PRO C   O    doub N N 268 
PRO C   OXT  sing N N 269 
PRO CB  CG   sing N N 270 
PRO CB  HB2  sing N N 271 
PRO CB  HB3  sing N N 272 
PRO CG  CD   sing N N 273 
PRO CG  HG2  sing N N 274 
PRO CG  HG3  sing N N 275 
PRO CD  HD2  sing N N 276 
PRO CD  HD3  sing N N 277 
PRO OXT HXT  sing N N 278 
SER N   CA   sing N N 279 
SER N   H    sing N N 280 
SER N   H2   sing N N 281 
SER CA  C    sing N N 282 
SER CA  CB   sing N N 283 
SER CA  HA   sing N N 284 
SER C   O    doub N N 285 
SER C   OXT  sing N N 286 
SER CB  OG   sing N N 287 
SER CB  HB2  sing N N 288 
SER CB  HB3  sing N N 289 
SER OG  HG   sing N N 290 
SER OXT HXT  sing N N 291 
THR N   CA   sing N N 292 
THR N   H    sing N N 293 
THR N   H2   sing N N 294 
THR CA  C    sing N N 295 
THR CA  CB   sing N N 296 
THR CA  HA   sing N N 297 
THR C   O    doub N N 298 
THR C   OXT  sing N N 299 
THR CB  OG1  sing N N 300 
THR CB  CG2  sing N N 301 
THR CB  HB   sing N N 302 
THR OG1 HG1  sing N N 303 
THR CG2 HG21 sing N N 304 
THR CG2 HG22 sing N N 305 
THR CG2 HG23 sing N N 306 
THR OXT HXT  sing N N 307 
TYR N   CA   sing N N 308 
TYR N   H    sing N N 309 
TYR N   H2   sing N N 310 
TYR CA  C    sing N N 311 
TYR CA  CB   sing N N 312 
TYR CA  HA   sing N N 313 
TYR C   O    doub N N 314 
TYR C   OXT  sing N N 315 
TYR CB  CG   sing N N 316 
TYR CB  HB2  sing N N 317 
TYR CB  HB3  sing N N 318 
TYR CG  CD1  doub Y N 319 
TYR CG  CD2  sing Y N 320 
TYR CD1 CE1  sing Y N 321 
TYR CD1 HD1  sing N N 322 
TYR CD2 CE2  doub Y N 323 
TYR CD2 HD2  sing N N 324 
TYR CE1 CZ   doub Y N 325 
TYR CE1 HE1  sing N N 326 
TYR CE2 CZ   sing Y N 327 
TYR CE2 HE2  sing N N 328 
TYR CZ  OH   sing N N 329 
TYR OH  HH   sing N N 330 
TYR OXT HXT  sing N N 331 
# 
_pdbx_nmr_spectrometer.spectrometer_id   1 
_pdbx_nmr_spectrometer.model             'INOVA 500' 
_pdbx_nmr_spectrometer.manufacturer      Varian 
_pdbx_nmr_spectrometer.field_strength    500 
_pdbx_nmr_spectrometer.type              ? 
# 
_atom_sites.entry_id                    1FFM 
_atom_sites.fract_transf_matrix[1][1]   1.000000 
_atom_sites.fract_transf_matrix[1][2]   0.000000 
_atom_sites.fract_transf_matrix[1][3]   0.000000 
_atom_sites.fract_transf_matrix[2][1]   0.000000 
_atom_sites.fract_transf_matrix[2][2]   1.000000 
_atom_sites.fract_transf_matrix[2][3]   0.000000 
_atom_sites.fract_transf_matrix[3][1]   0.000000 
_atom_sites.fract_transf_matrix[3][2]   0.000000 
_atom_sites.fract_transf_matrix[3][3]   1.000000 
_atom_sites.fract_transf_vector[1]      0.00000 
_atom_sites.fract_transf_vector[2]      0.00000 
_atom_sites.fract_transf_vector[3]      0.00000 
# 
loop_
_atom_type.symbol 
C 
H 
N 
O 
S 
# 
loop_
_atom_site.group_PDB 
_atom_site.id 
_atom_site.type_symbol 
_atom_site.label_atom_id 
_atom_site.label_alt_id 
_atom_site.label_comp_id 
_atom_site.label_asym_id 
_atom_site.label_entity_id 
_atom_site.label_seq_id 
_atom_site.pdbx_PDB_ins_code 
_atom_site.Cartn_x 
_atom_site.Cartn_y 
_atom_site.Cartn_z 
_atom_site.occupancy 
_atom_site.B_iso_or_equiv 
_atom_site.pdbx_formal_charge 
_atom_site.auth_seq_id 
_atom_site.auth_comp_id 
_atom_site.auth_asym_id 
_atom_site.auth_atom_id 
_atom_site.pdbx_PDB_model_num 
ATOM   1   N N    . SER A 1 1  ? 3.053   11.754  16.195  1.00 5.16  ? 45 SER A N    1 
ATOM   2   C CA   . SER A 1 1  ? 3.990   12.886  15.937  1.00 4.55  ? 45 SER A CA   1 
ATOM   3   C C    . SER A 1 1  ? 5.334   12.358  15.433  1.00 3.53  ? 45 SER A C    1 
ATOM   4   O O    . SER A 1 1  ? 6.383   12.848  15.808  1.00 3.69  ? 45 SER A O    1 
ATOM   5   C CB   . SER A 1 1  ? 4.158   13.573  17.293  1.00 5.31  ? 45 SER A CB   1 
ATOM   6   O OG   . SER A 1 1  ? 2.879   13.784  17.876  1.00 5.93  ? 45 SER A OG   1 
ATOM   7   H H1   . SER A 1 1  ? 3.537   11.025  16.758  1.00 5.27  ? 45 SER A H1   1 
ATOM   8   H H2   . SER A 1 1  ? 2.223   12.100  16.713  1.00 5.51  ? 45 SER A H2   1 
ATOM   9   H H3   . SER A 1 1  ? 2.748   11.345  15.288  1.00 5.50  ? 45 SER A H3   1 
ATOM   10  H HA   . SER A 1 1  ? 3.563   13.575  15.226  1.00 4.74  ? 45 SER A HA   1 
ATOM   11  H HB2  . SER A 1 1  ? 4.746   12.949  17.945  1.00 5.37  ? 45 SER A HB2  1 
ATOM   12  H HB3  . SER A 1 1  ? 4.662   14.520  17.154  1.00 5.70  ? 45 SER A HB3  1 
ATOM   13  H HG   . SER A 1 1  ? 2.675   13.025  18.428  1.00 6.17  ? 45 SER A HG   1 
ATOM   14  N N    . ASP A 1 2  ? 5.308   11.363  14.584  1.00 2.93  ? 46 ASP A N    1 
ATOM   15  C CA   . ASP A 1 2  ? 6.580   10.794  14.048  1.00 2.22  ? 46 ASP A CA   1 
ATOM   16  C C    . ASP A 1 2  ? 6.618   10.925  12.522  1.00 1.99  ? 46 ASP A C    1 
ATOM   17  O O    . ASP A 1 2  ? 6.923   9.981   11.818  1.00 2.64  ? 46 ASP A O    1 
ATOM   18  C CB   . ASP A 1 2  ? 6.561   9.321   14.460  1.00 2.07  ? 46 ASP A CB   1 
ATOM   19  C CG   . ASP A 1 2  ? 6.569   9.217   15.985  1.00 2.91  ? 46 ASP A CG   1 
ATOM   20  O OD1  . ASP A 1 2  ? 7.578   9.563   16.578  1.00 3.32  ? 46 ASP A OD1  1 
ATOM   21  O OD2  . ASP A 1 2  ? 5.566   8.793   16.536  1.00 3.64  ? 46 ASP A OD2  1 
ATOM   22  H H    . ASP A 1 2  ? 4.449   10.988  14.299  1.00 3.32  ? 46 ASP A H    1 
ATOM   23  H HA   . ASP A 1 2  ? 7.431   11.289  14.489  1.00 2.65  ? 46 ASP A HA   1 
ATOM   24  H HB2  . ASP A 1 2  ? 5.670   8.851   14.069  1.00 2.30  ? 46 ASP A HB2  1 
ATOM   25  H HB3  . ASP A 1 2  ? 7.434   8.825   14.062  1.00 1.96  ? 46 ASP A HB3  1 
ATOM   26  N N    . GLY A 1 3  ? 6.307   12.089  12.011  1.00 1.80  ? 47 GLY A N    1 
ATOM   27  C CA   . GLY A 1 3  ? 6.320   12.292  10.533  1.00 2.05  ? 47 GLY A CA   1 
ATOM   28  C C    . GLY A 1 3  ? 5.015   11.765  9.932   1.00 1.72  ? 47 GLY A C    1 
ATOM   29  O O    . GLY A 1 3  ? 4.543   10.703  10.291  1.00 2.05  ? 47 GLY A O    1 
ATOM   30  H H    . GLY A 1 3  ? 6.064   12.831  12.604  1.00 2.09  ? 47 GLY A H    1 
ATOM   31  H HA2  . GLY A 1 3  ? 6.419   13.346  10.315  1.00 2.44  ? 47 GLY A HA2  1 
ATOM   32  H HA3  . GLY A 1 3  ? 7.152   11.756  10.103  1.00 2.62  ? 47 GLY A HA3  1 
ATOM   33  N N    . ASP A 1 4  ? 4.433   12.501  9.020   1.00 1.49  ? 48 ASP A N    1 
ATOM   34  C CA   . ASP A 1 4  ? 3.157   12.052  8.388   1.00 1.52  ? 48 ASP A CA   1 
ATOM   35  C C    . ASP A 1 4  ? 3.378   11.750  6.904   1.00 1.19  ? 48 ASP A C    1 
ATOM   36  O O    . ASP A 1 4  ? 3.339   12.636  6.071   1.00 1.51  ? 48 ASP A O    1 
ATOM   37  C CB   . ASP A 1 4  ? 2.194   13.227  8.559   1.00 1.94  ? 48 ASP A CB   1 
ATOM   38  C CG   . ASP A 1 4  ? 1.554   13.166  9.947   1.00 2.61  ? 48 ASP A CG   1 
ATOM   39  O OD1  . ASP A 1 4  ? 2.246   12.797  10.882  1.00 3.21  ? 48 ASP A OD1  1 
ATOM   40  O OD2  . ASP A 1 4  ? 0.382   13.489  10.053  1.00 3.04  ? 48 ASP A OD2  1 
ATOM   41  H H    . ASP A 1 4  ? 4.838   13.353  8.750   1.00 1.65  ? 48 ASP A H    1 
ATOM   42  H HA   . ASP A 1 4  ? 2.770   11.183  8.897   1.00 1.88  ? 48 ASP A HA   1 
ATOM   43  H HB2  . ASP A 1 4  ? 2.738   14.155  8.453   1.00 1.94  ? 48 ASP A HB2  1 
ATOM   44  H HB3  . ASP A 1 4  ? 1.423   13.175  7.807   1.00 2.36  ? 48 ASP A HB3  1 
ATOM   45  N N    . GLN A 1 5  ? 3.610   10.505  6.571   1.00 0.90  ? 49 GLN A N    1 
ATOM   46  C CA   . GLN A 1 5  ? 3.836   10.136  5.141   1.00 0.76  ? 49 GLN A CA   1 
ATOM   47  C C    . GLN A 1 5  ? 2.538   9.617   4.515   1.00 0.72  ? 49 GLN A C    1 
ATOM   48  O O    . GLN A 1 5  ? 2.559   8.829   3.588   1.00 0.89  ? 49 GLN A O    1 
ATOM   49  C CB   . GLN A 1 5  ? 4.892   9.031   5.182   1.00 0.96  ? 49 GLN A CB   1 
ATOM   50  C CG   . GLN A 1 5  ? 6.208   9.601   5.716   1.00 1.28  ? 49 GLN A CG   1 
ATOM   51  C CD   . GLN A 1 5  ? 6.206   9.546   7.244   1.00 2.04  ? 49 GLN A CD   1 
ATOM   52  O OE1  . GLN A 1 5  ? 6.453   10.538  7.901   1.00 2.81  ? 49 GLN A OE1  1 
ATOM   53  N NE2  . GLN A 1 5  ? 5.937   8.418   7.844   1.00 2.59  ? 49 GLN A NE2  1 
ATOM   54  H H    . GLN A 1 5  ? 3.636   9.813   7.263   1.00 1.12  ? 49 GLN A H    1 
ATOM   55  H HA   . GLN A 1 5  ? 4.209   10.983  4.588   1.00 0.87  ? 49 GLN A HA   1 
ATOM   56  H HB2  . GLN A 1 5  ? 4.554   8.236   5.829   1.00 1.36  ? 49 GLN A HB2  1 
ATOM   57  H HB3  . GLN A 1 5  ? 5.046   8.645   4.186   1.00 1.10  ? 49 GLN A HB3  1 
ATOM   58  H HG2  . GLN A 1 5  ? 7.033   9.018   5.333   1.00 1.65  ? 49 GLN A HG2  1 
ATOM   59  H HG3  . GLN A 1 5  ? 6.313   10.627  5.394   1.00 1.76  ? 49 GLN A HG3  1 
ATOM   60  H HE21 . GLN A 1 5  ? 5.737   7.617   7.316   1.00 2.66  ? 49 GLN A HE21 1 
ATOM   61  H HE22 . GLN A 1 5  ? 5.933   8.373   8.823   1.00 3.31  ? 49 GLN A HE22 1 
ATOM   62  N N    . CYS A 1 6  ? 1.411   10.055  5.016   1.00 0.74  ? 50 CYS A N    1 
ATOM   63  C CA   . CYS A 1 6  ? 0.105   9.596   4.457   1.00 0.83  ? 50 CYS A CA   1 
ATOM   64  C C    . CYS A 1 6  ? -0.794  10.802  4.167   1.00 0.87  ? 50 CYS A C    1 
ATOM   65  O O    . CYS A 1 6  ? -1.979  10.787  4.446   1.00 1.13  ? 50 CYS A O    1 
ATOM   66  C CB   . CYS A 1 6  ? -0.504  8.719   5.553   1.00 1.00  ? 50 CYS A CB   1 
ATOM   67  S SG   . CYS A 1 6  ? -1.992  7.905   4.918   1.00 1.28  ? 50 CYS A SG   1 
ATOM   68  H H    . CYS A 1 6  ? 1.423   10.691  5.761   1.00 0.87  ? 50 CYS A H    1 
ATOM   69  H HA   . CYS A 1 6  ? 0.261   9.016   3.562   1.00 0.91  ? 50 CYS A HA   1 
ATOM   70  H HB2  . CYS A 1 6  ? 0.213   7.972   5.856   1.00 1.29  ? 50 CYS A HB2  1 
ATOM   71  H HB3  . CYS A 1 6  ? -0.765  9.333   6.401   1.00 1.24  ? 50 CYS A HB3  1 
ATOM   72  N N    . ALA A 1 7  ? -0.234  11.847  3.612   1.00 0.84  ? 51 ALA A N    1 
ATOM   73  C CA   . ALA A 1 7  ? -1.044  13.063  3.304   1.00 0.96  ? 51 ALA A CA   1 
ATOM   74  C C    . ALA A 1 7  ? -1.632  12.971  1.892   1.00 1.05  ? 51 ALA A C    1 
ATOM   75  O O    . ALA A 1 7  ? -2.803  13.225  1.684   1.00 1.33  ? 51 ALA A O    1 
ATOM   76  C CB   . ALA A 1 7  ? -0.057  14.227  3.398   1.00 1.07  ? 51 ALA A CB   1 
ATOM   77  H H    . ALA A 1 7  ? 0.723   11.832  3.403   1.00 0.91  ? 51 ALA A H    1 
ATOM   78  H HA   . ALA A 1 7  ? -1.829  13.187  4.031   1.00 1.16  ? 51 ALA A HA   1 
ATOM   79  H HB1  . ALA A 1 7  ? 0.796   14.029  2.765   1.00 1.68  ? 51 ALA A HB1  1 
ATOM   80  H HB2  . ALA A 1 7  ? -0.542  15.138  3.075   1.00 1.48  ? 51 ALA A HB2  1 
ATOM   81  H HB3  . ALA A 1 7  ? 0.271   14.339  4.420   1.00 1.37  ? 51 ALA A HB3  1 
ATOM   82  N N    . SER A 1 8  ? -0.826  12.617  0.923   1.00 1.05  ? 52 SER A N    1 
ATOM   83  C CA   . SER A 1 8  ? -1.334  12.514  -0.480  1.00 1.34  ? 52 SER A CA   1 
ATOM   84  C C    . SER A 1 8  ? -1.651  11.058  -0.840  1.00 1.26  ? 52 SER A C    1 
ATOM   85  O O    . SER A 1 8  ? -1.716  10.701  -2.001  1.00 1.77  ? 52 SER A O    1 
ATOM   86  C CB   . SER A 1 8  ? -0.194  13.041  -1.350  1.00 1.57  ? 52 SER A CB   1 
ATOM   87  O OG   . SER A 1 8  ? 0.208   14.320  -0.873  1.00 2.21  ? 52 SER A OG   1 
ATOM   88  H H    . SER A 1 8  ? 0.115   12.422  1.116   1.00 1.04  ? 52 SER A H    1 
ATOM   89  H HA   . SER A 1 8  ? -2.207  13.132  -0.608  1.00 1.57  ? 52 SER A HA   1 
ATOM   90  H HB2  . SER A 1 8  ? 0.644   12.365  -1.299  1.00 1.82  ? 52 SER A HB2  1 
ATOM   91  H HB3  . SER A 1 8  ? -0.531  13.117  -2.375  1.00 1.89  ? 52 SER A HB3  1 
ATOM   92  H HG   . SER A 1 8  ? 1.158   14.304  -0.747  1.00 2.42  ? 52 SER A HG   1 
ATOM   93  N N    . SER A 1 9  ? -1.857  10.210  0.144   1.00 0.82  ? 53 SER A N    1 
ATOM   94  C CA   . SER A 1 9  ? -2.177  8.769   -0.136  1.00 0.84  ? 53 SER A CA   1 
ATOM   95  C C    . SER A 1 9  ? -1.162  8.159   -1.121  1.00 0.71  ? 53 SER A C    1 
ATOM   96  O O    . SER A 1 9  ? -1.422  8.100   -2.306  1.00 0.74  ? 53 SER A O    1 
ATOM   97  C CB   . SER A 1 9  ? -3.578  8.784   -0.750  1.00 1.09  ? 53 SER A CB   1 
ATOM   98  O OG   . SER A 1 9  ? -4.467  9.467   0.124   1.00 1.75  ? 53 SER A OG   1 
ATOM   99  H H    . SER A 1 9  ? -1.803  10.521  1.071   1.00 0.80  ? 53 SER A H    1 
ATOM   100 H HA   . SER A 1 9  ? -2.188  8.206   0.784   1.00 0.88  ? 53 SER A HA   1 
ATOM   101 H HB2  . SER A 1 9  ? -3.551  9.293   -1.699  1.00 1.64  ? 53 SER A HB2  1 
ATOM   102 H HB3  . SER A 1 9  ? -3.913  7.766   -0.899  1.00 1.40  ? 53 SER A HB3  1 
ATOM   103 H HG   . SER A 1 9  ? -5.334  9.482   -0.288  1.00 1.94  ? 53 SER A HG   1 
ATOM   104 N N    . PRO A 1 10 ? -0.034  7.721   -0.604  1.00 0.61  ? 54 PRO A N    1 
ATOM   105 C CA   . PRO A 1 10 ? 1.006   7.115   -1.475  1.00 0.57  ? 54 PRO A CA   1 
ATOM   106 C C    . PRO A 1 10 ? 0.569   5.721   -1.947  1.00 0.54  ? 54 PRO A C    1 
ATOM   107 O O    . PRO A 1 10 ? 1.012   5.243   -2.974  1.00 0.58  ? 54 PRO A O    1 
ATOM   108 C CB   . PRO A 1 10 ? 2.228   7.021   -0.567  1.00 0.57  ? 54 PRO A CB   1 
ATOM   109 C CG   . PRO A 1 10 ? 1.680   6.977   0.823   1.00 0.56  ? 54 PRO A CG   1 
ATOM   110 C CD   . PRO A 1 10 ? 0.382   7.744   0.809   1.00 0.62  ? 54 PRO A CD   1 
ATOM   111 H HA   . PRO A 1 10 ? 1.218   7.754   -2.317  1.00 0.65  ? 54 PRO A HA   1 
ATOM   112 H HB2  . PRO A 1 10 ? 2.786   6.119   -0.782  1.00 0.58  ? 54 PRO A HB2  1 
ATOM   113 H HB3  . PRO A 1 10 ? 2.856   7.890   -0.689  1.00 0.64  ? 54 PRO A HB3  1 
ATOM   114 H HG2  . PRO A 1 10 ? 1.503   5.952   1.116   1.00 0.56  ? 54 PRO A HG2  1 
ATOM   115 H HG3  . PRO A 1 10 ? 2.370   7.444   1.507   1.00 0.60  ? 54 PRO A HG3  1 
ATOM   116 H HD2  . PRO A 1 10 ? -0.353  7.251   1.432   1.00 0.65  ? 54 PRO A HD2  1 
ATOM   117 H HD3  . PRO A 1 10 ? 0.539   8.760   1.134   1.00 0.68  ? 54 PRO A HD3  1 
ATOM   118 N N    . CYS A 1 11 ? -0.291  5.070   -1.204  1.00 0.54  ? 55 CYS A N    1 
ATOM   119 C CA   . CYS A 1 11 ? -0.757  3.703   -1.606  1.00 0.56  ? 55 CYS A CA   1 
ATOM   120 C C    . CYS A 1 11 ? -1.458  3.768   -2.967  1.00 0.43  ? 55 CYS A C    1 
ATOM   121 O O    . CYS A 1 11 ? -1.800  4.833   -3.445  1.00 0.56  ? 55 CYS A O    1 
ATOM   122 C CB   . CYS A 1 11 ? -1.747  3.265   -0.520  1.00 0.74  ? 55 CYS A CB   1 
ATOM   123 S SG   . CYS A 1 11 ? -0.943  3.272   1.107   1.00 1.19  ? 55 CYS A SG   1 
ATOM   124 H H    . CYS A 1 11 ? -0.630  5.479   -0.380  1.00 0.57  ? 55 CYS A H    1 
ATOM   125 H HA   . CYS A 1 11 ? 0.077   3.019   -1.644  1.00 0.73  ? 55 CYS A HA   1 
ATOM   126 H HB2  . CYS A 1 11 ? -2.585  3.946   -0.506  1.00 0.79  ? 55 CYS A HB2  1 
ATOM   127 H HB3  . CYS A 1 11 ? -2.101  2.269   -0.740  1.00 0.72  ? 55 CYS A HB3  1 
ATOM   128 N N    . GLN A 1 12 ? -1.670  2.636   -3.591  1.00 0.43  ? 56 GLN A N    1 
ATOM   129 C CA   . GLN A 1 12 ? -2.349  2.629   -4.923  1.00 0.62  ? 56 GLN A CA   1 
ATOM   130 C C    . GLN A 1 12 ? -3.323  1.448   -5.022  1.00 0.47  ? 56 GLN A C    1 
ATOM   131 O O    . GLN A 1 12 ? -3.421  0.635   -4.124  1.00 0.38  ? 56 GLN A O    1 
ATOM   132 C CB   . GLN A 1 12 ? -1.220  2.477   -5.942  1.00 0.96  ? 56 GLN A CB   1 
ATOM   133 C CG   . GLN A 1 12 ? -1.558  3.274   -7.202  1.00 0.96  ? 56 GLN A CG   1 
ATOM   134 C CD   . GLN A 1 12 ? -0.270  3.813   -7.828  1.00 1.30  ? 56 GLN A CD   1 
ATOM   135 O OE1  . GLN A 1 12 ? -0.020  3.617   -8.999  1.00 2.17  ? 56 GLN A OE1  1 
ATOM   136 N NE2  . GLN A 1 12 ? 0.567   4.489   -7.087  1.00 1.07  ? 56 GLN A NE2  1 
ATOM   137 H H    . GLN A 1 12 ? -1.384  1.793   -3.185  1.00 0.48  ? 56 GLN A H    1 
ATOM   138 H HA   . GLN A 1 12 ? -2.870  3.559   -5.087  1.00 0.80  ? 56 GLN A HA   1 
ATOM   139 H HB2  . GLN A 1 12 ? -0.299  2.848   -5.515  1.00 1.70  ? 56 GLN A HB2  1 
ATOM   140 H HB3  . GLN A 1 12 ? -1.104  1.434   -6.198  1.00 1.60  ? 56 GLN A HB3  1 
ATOM   141 H HG2  . GLN A 1 12 ? -2.061  2.631   -7.910  1.00 1.61  ? 56 GLN A HG2  1 
ATOM   142 H HG3  . GLN A 1 12 ? -2.202  4.100   -6.944  1.00 1.41  ? 56 GLN A HG3  1 
ATOM   143 H HE21 . GLN A 1 12 ? 0.366   4.647   -6.140  1.00 0.92  ? 56 GLN A HE21 1 
ATOM   144 H HE22 . GLN A 1 12 ? 1.394   4.839   -7.477  1.00 1.50  ? 56 GLN A HE22 1 
ATOM   145 N N    . ASN A 1 13 ? -4.043  1.353   -6.116  1.00 0.52  ? 57 ASN A N    1 
ATOM   146 C CA   . ASN A 1 13 ? -5.021  0.230   -6.303  1.00 0.48  ? 57 ASN A CA   1 
ATOM   147 C C    . ASN A 1 13 ? -5.989  0.139   -5.115  1.00 0.54  ? 57 ASN A C    1 
ATOM   148 O O    . ASN A 1 13 ? -6.230  -0.928  -4.584  1.00 0.58  ? 57 ASN A O    1 
ATOM   149 C CB   . ASN A 1 13 ? -4.170  -1.041  -6.398  1.00 0.46  ? 57 ASN A CB   1 
ATOM   150 C CG   . ASN A 1 13 ? -3.578  -1.157  -7.807  1.00 0.56  ? 57 ASN A CG   1 
ATOM   151 O OD1  . ASN A 1 13 ? -4.109  -0.604  -8.749  1.00 0.77  ? 57 ASN A OD1  1 
ATOM   152 N ND2  . ASN A 1 13 ? -2.494  -1.857  -7.988  1.00 0.63  ? 57 ASN A ND2  1 
ATOM   153 H H    . ASN A 1 13 ? -3.939  2.025   -6.821  1.00 0.63  ? 57 ASN A H    1 
ATOM   154 H HA   . ASN A 1 13 ? -5.572  0.367   -7.220  1.00 0.56  ? 57 ASN A HA   1 
ATOM   155 H HB2  . ASN A 1 13 ? -3.371  -0.994  -5.674  1.00 0.43  ? 57 ASN A HB2  1 
ATOM   156 H HB3  . ASN A 1 13 ? -4.788  -1.903  -6.199  1.00 0.51  ? 57 ASN A HB3  1 
ATOM   157 H HD21 . ASN A 1 13 ? -2.065  -2.305  -7.227  1.00 0.75  ? 57 ASN A HD21 1 
ATOM   158 H HD22 . ASN A 1 13 ? -2.107  -1.939  -8.885  1.00 0.72  ? 57 ASN A HD22 1 
ATOM   159 N N    . GLY A 1 14 ? -6.542  1.251   -4.702  1.00 0.69  ? 58 GLY A N    1 
ATOM   160 C CA   . GLY A 1 14 ? -7.498  1.238   -3.553  1.00 0.82  ? 58 GLY A CA   1 
ATOM   161 C C    . GLY A 1 14 ? -6.795  0.711   -2.300  1.00 0.67  ? 58 GLY A C    1 
ATOM   162 O O    . GLY A 1 14 ? -7.406  0.093   -1.449  1.00 0.76  ? 58 GLY A O    1 
ATOM   163 H H    . GLY A 1 14 ? -6.332  2.096   -5.150  1.00 0.78  ? 58 GLY A H    1 
ATOM   164 H HA2  . GLY A 1 14 ? -7.855  2.242   -3.371  1.00 0.97  ? 58 GLY A HA2  1 
ATOM   165 H HA3  . GLY A 1 14 ? -8.335  0.597   -3.788  1.00 0.94  ? 58 GLY A HA3  1 
ATOM   166 N N    . GLY A 1 15 ? -5.514  0.952   -2.185  1.00 0.51  ? 59 GLY A N    1 
ATOM   167 C CA   . GLY A 1 15 ? -4.759  0.466   -0.992  1.00 0.44  ? 59 GLY A CA   1 
ATOM   168 C C    . GLY A 1 15 ? -5.081  1.349   0.214   1.00 0.45  ? 59 GLY A C    1 
ATOM   169 O O    . GLY A 1 15 ? -5.324  2.534   0.079   1.00 0.50  ? 59 GLY A O    1 
ATOM   170 H H    . GLY A 1 15 ? -5.047  1.451   -2.888  1.00 0.52  ? 59 GLY A H    1 
ATOM   171 H HA2  . GLY A 1 15 ? -5.043  -0.555  -0.779  1.00 0.48  ? 59 GLY A HA2  1 
ATOM   172 H HA3  . GLY A 1 15 ? -3.700  0.513   -1.196  1.00 0.45  ? 59 GLY A HA3  1 
ATOM   173 N N    . SER A 1 16 ? -5.078  0.779   1.391   1.00 0.44  ? 60 SER A N    1 
ATOM   174 C CA   . SER A 1 16 ? -5.378  1.579   2.616   1.00 0.48  ? 60 SER A CA   1 
ATOM   175 C C    . SER A 1 16 ? -4.083  2.162   3.186   1.00 0.47  ? 60 SER A C    1 
ATOM   176 O O    . SER A 1 16 ? -3.140  1.443   3.466   1.00 0.61  ? 60 SER A O    1 
ATOM   177 C CB   . SER A 1 16 ? -6.001  0.587   3.597   1.00 0.51  ? 60 SER A CB   1 
ATOM   178 O OG   . SER A 1 16 ? -7.352  0.343   3.224   1.00 0.50  ? 60 SER A OG   1 
ATOM   179 H H    . SER A 1 16 ? -4.877  -0.176  1.471   1.00 0.44  ? 60 SER A H    1 
ATOM   180 H HA   . SER A 1 16 ? -6.080  2.366   2.392   1.00 0.51  ? 60 SER A HA   1 
ATOM   181 H HB2  . SER A 1 16 ? -5.455  -0.341  3.570   1.00 0.51  ? 60 SER A HB2  1 
ATOM   182 H HB3  . SER A 1 16 ? -5.961  0.997   4.597   1.00 0.63  ? 60 SER A HB3  1 
ATOM   183 N N    . CYS A 1 17 ? -4.027  3.458   3.348   1.00 0.47  ? 61 CYS A N    1 
ATOM   184 C CA   . CYS A 1 17 ? -2.792  4.100   3.890   1.00 0.48  ? 61 CYS A CA   1 
ATOM   185 C C    . CYS A 1 17 ? -2.856  4.182   5.417   1.00 0.42  ? 61 CYS A C    1 
ATOM   186 O O    . CYS A 1 17 ? -3.870  4.533   5.989   1.00 0.55  ? 61 CYS A O    1 
ATOM   187 C CB   . CYS A 1 17 ? -2.777  5.498   3.269   1.00 0.59  ? 61 CYS A CB   1 
ATOM   188 S SG   . CYS A 1 17 ? -1.287  6.387   3.788   1.00 1.03  ? 61 CYS A SG   1 
ATOM   189 H H    . CYS A 1 17 ? -4.799  4.012   3.108   1.00 0.56  ? 61 CYS A H    1 
ATOM   190 H HA   . CYS A 1 17 ? -1.918  3.551   3.580   1.00 0.54  ? 61 CYS A HA   1 
ATOM   191 H HB2  . CYS A 1 17 ? -2.787  5.412   2.192   1.00 0.89  ? 61 CYS A HB2  1 
ATOM   192 H HB3  . CYS A 1 17 ? -3.652  6.044   3.593   1.00 0.85  ? 61 CYS A HB3  1 
ATOM   193 N N    . LYS A 1 18 ? -1.770  3.865   6.076   1.00 0.39  ? 62 LYS A N    1 
ATOM   194 C CA   . LYS A 1 18 ? -1.744  3.926   7.566   1.00 0.46  ? 62 LYS A CA   1 
ATOM   195 C C    . LYS A 1 18 ? -0.428  4.554   8.037   1.00 0.43  ? 62 LYS A C    1 
ATOM   196 O O    . LYS A 1 18 ? 0.646   4.071   7.723   1.00 0.45  ? 62 LYS A O    1 
ATOM   197 C CB   . LYS A 1 18 ? -1.845  2.468   8.029   1.00 0.61  ? 62 LYS A CB   1 
ATOM   198 C CG   . LYS A 1 18 ? -2.873  2.356   9.160   1.00 0.81  ? 62 LYS A CG   1 
ATOM   199 C CD   . LYS A 1 18 ? -2.440  1.261   10.135  1.00 1.31  ? 62 LYS A CD   1 
ATOM   200 C CE   . LYS A 1 18 ? -3.415  1.214   11.315  1.00 1.84  ? 62 LYS A CE   1 
ATOM   201 N NZ   . LYS A 1 18 ? -3.405  -0.206  11.767  1.00 2.25  ? 62 LYS A NZ   1 
ATOM   202 H H    . LYS A 1 18 ? -0.968  3.590   5.586   1.00 0.45  ? 62 LYS A H    1 
ATOM   203 H HA   . LYS A 1 18 ? -2.585  4.493   7.935   1.00 0.50  ? 62 LYS A HA   1 
ATOM   204 H HB2  . LYS A 1 18 ? -2.155  1.848   7.200   1.00 0.67  ? 62 LYS A HB2  1 
ATOM   205 H HB3  . LYS A 1 18 ? -0.884  2.135   8.388   1.00 0.62  ? 62 LYS A HB3  1 
ATOM   206 H HG2  . LYS A 1 18 ? -2.939  3.300   9.681   1.00 1.14  ? 62 LYS A HG2  1 
ATOM   207 H HG3  . LYS A 1 18 ? -3.838  2.105   8.745   1.00 1.27  ? 62 LYS A HG3  1 
ATOM   208 H HD2  . LYS A 1 18 ? -2.441  0.307   9.630   1.00 1.71  ? 62 LYS A HD2  1 
ATOM   209 H HD3  . LYS A 1 18 ? -1.449  1.476   10.501  1.00 1.86  ? 62 LYS A HD3  1 
ATOM   210 H HE2  . LYS A 1 18 ? -3.076  1.867   12.108  1.00 2.39  ? 62 LYS A HE2  1 
ATOM   211 H HE3  . LYS A 1 18 ? -4.408  1.493   10.995  1.00 2.19  ? 62 LYS A HE3  1 
ATOM   212 H HZ1  . LYS A 1 18 ? -2.422  -0.522  11.893  1.00 2.62  ? 62 LYS A HZ1  1 
ATOM   213 H HZ2  . LYS A 1 18 ? -3.915  -0.285  12.671  1.00 2.42  ? 62 LYS A HZ2  1 
ATOM   214 H HZ3  . LYS A 1 18 ? -3.869  -0.801  11.052  1.00 2.78  ? 62 LYS A HZ3  1 
ATOM   215 N N    . ASP A 1 19 ? -0.507  5.627   8.783   1.00 0.51  ? 63 ASP A N    1 
ATOM   216 C CA   . ASP A 1 19 ? 0.736   6.296   9.276   1.00 0.52  ? 63 ASP A CA   1 
ATOM   217 C C    . ASP A 1 19 ? 1.401   5.445   10.362  1.00 0.58  ? 63 ASP A C    1 
ATOM   218 O O    . ASP A 1 19 ? 0.814   5.172   11.393  1.00 0.81  ? 63 ASP A O    1 
ATOM   219 C CB   . ASP A 1 19 ? 0.274   7.643   9.850   1.00 0.63  ? 63 ASP A CB   1 
ATOM   220 C CG   . ASP A 1 19 ? -0.752  7.415   10.966  1.00 1.55  ? 63 ASP A CG   1 
ATOM   221 O OD1  . ASP A 1 19 ? -1.834  6.941   10.662  1.00 2.35  ? 63 ASP A OD1  1 
ATOM   222 O OD2  . ASP A 1 19 ? -0.435  7.720   12.104  1.00 2.24  ? 63 ASP A OD2  1 
ATOM   223 H H    . ASP A 1 19 ? -1.386  5.993   9.015   1.00 0.61  ? 63 ASP A H    1 
ATOM   224 H HA   . ASP A 1 19 ? 1.420   6.463   8.460   1.00 0.46  ? 63 ASP A HA   1 
ATOM   225 H HB2  . ASP A 1 19 ? 1.127   8.174   10.247  1.00 1.20  ? 63 ASP A HB2  1 
ATOM   226 H HB3  . ASP A 1 19 ? -0.178  8.230   9.064   1.00 1.24  ? 63 ASP A HB3  1 
ATOM   227 N N    . GLN A 1 20 ? 2.620   5.025   10.137  1.00 0.55  ? 64 GLN A N    1 
ATOM   228 C CA   . GLN A 1 20 ? 3.331   4.190   11.150  1.00 0.63  ? 64 GLN A CA   1 
ATOM   229 C C    . GLN A 1 20 ? 4.611   4.894   11.610  1.00 0.64  ? 64 GLN A C    1 
ATOM   230 O O    . GLN A 1 20 ? 4.905   5.999   11.195  1.00 0.66  ? 64 GLN A O    1 
ATOM   231 C CB   . GLN A 1 20 ? 3.666   2.886   10.425  1.00 0.65  ? 64 GLN A CB   1 
ATOM   232 C CG   . GLN A 1 20 ? 2.430   1.988   10.391  1.00 0.74  ? 64 GLN A CG   1 
ATOM   233 C CD   . GLN A 1 20 ? 2.360   1.167   11.681  1.00 1.14  ? 64 GLN A CD   1 
ATOM   234 O OE1  . GLN A 1 20 ? 2.735   1.637   12.736  1.00 1.89  ? 64 GLN A OE1  1 
ATOM   235 N NE2  . GLN A 1 20 ? 1.890   -0.050  11.640  1.00 1.62  ? 64 GLN A NE2  1 
ATOM   236 H H    . GLN A 1 20 ? 3.069   5.260   9.298   1.00 0.62  ? 64 GLN A H    1 
ATOM   237 H HA   . GLN A 1 20 ? 2.689   3.989   11.991  1.00 0.73  ? 64 GLN A HA   1 
ATOM   238 H HB2  . GLN A 1 20 ? 3.980   3.107   9.414   1.00 0.60  ? 64 GLN A HB2  1 
ATOM   239 H HB3  . GLN A 1 20 ? 4.464   2.379   10.946  1.00 0.73  ? 64 GLN A HB3  1 
ATOM   240 H HG2  . GLN A 1 20 ? 1.543   2.598   10.305  1.00 1.00  ? 64 GLN A HG2  1 
ATOM   241 H HG3  . GLN A 1 20 ? 2.491   1.320   9.546   1.00 0.94  ? 64 GLN A HG3  1 
ATOM   242 H HE21 . GLN A 1 20 ? 1.587   -0.431  10.790  1.00 2.06  ? 64 GLN A HE21 1 
ATOM   243 H HE22 . GLN A 1 20 ? 1.842   -0.585  12.462  1.00 2.00  ? 64 GLN A HE22 1 
ATOM   244 N N    . LEU A 1 21 ? 5.372   4.258   12.465  1.00 0.71  ? 65 LEU A N    1 
ATOM   245 C CA   . LEU A 1 21 ? 6.639   4.884   12.959  1.00 0.78  ? 65 LEU A CA   1 
ATOM   246 C C    . LEU A 1 21 ? 7.594   5.135   11.788  1.00 0.75  ? 65 LEU A C    1 
ATOM   247 O O    . LEU A 1 21 ? 7.664   4.355   10.860  1.00 1.27  ? 65 LEU A O    1 
ATOM   248 C CB   . LEU A 1 21 ? 7.240   3.869   13.933  1.00 0.93  ? 65 LEU A CB   1 
ATOM   249 C CG   . LEU A 1 21 ? 7.899   4.608   15.098  1.00 1.12  ? 65 LEU A CG   1 
ATOM   250 C CD1  . LEU A 1 21 ? 6.818   5.201   16.004  1.00 1.80  ? 65 LEU A CD1  1 
ATOM   251 C CD2  . LEU A 1 21 ? 8.756   3.628   15.903  1.00 1.62  ? 65 LEU A CD2  1 
ATOM   252 H H    . LEU A 1 21 ? 5.111   3.368   12.782  1.00 0.76  ? 65 LEU A H    1 
ATOM   253 H HA   . LEU A 1 21 ? 6.425   5.809   13.474  1.00 0.86  ? 65 LEU A HA   1 
ATOM   254 H HB2  . LEU A 1 21 ? 6.458   3.225   14.309  1.00 1.07  ? 65 LEU A HB2  1 
ATOM   255 H HB3  . LEU A 1 21 ? 7.982   3.274   13.421  1.00 1.12  ? 65 LEU A HB3  1 
ATOM   256 H HG   . LEU A 1 21 ? 8.523   5.402   14.714  1.00 1.82  ? 65 LEU A HG   1 
ATOM   257 H HD11 . LEU A 1 21 ? 5.928   5.392   15.423  1.00 2.24  ? 65 LEU A HD11 1 
ATOM   258 H HD12 . LEU A 1 21 ? 6.588   4.503   16.794  1.00 2.29  ? 65 LEU A HD12 1 
ATOM   259 H HD13 . LEU A 1 21 ? 7.175   6.126   16.432  1.00 2.33  ? 65 LEU A HD13 1 
ATOM   260 H HD21 . LEU A 1 21 ? 9.178   2.888   15.239  1.00 1.98  ? 65 LEU A HD21 1 
ATOM   261 H HD22 . LEU A 1 21 ? 9.551   4.165   16.397  1.00 2.19  ? 65 LEU A HD22 1 
ATOM   262 H HD23 . LEU A 1 21 ? 8.140   3.136   16.643  1.00 2.12  ? 65 LEU A HD23 1 
ATOM   263 N N    . GLN A 1 22 ? 8.331   6.220   11.834  1.00 0.80  ? 66 GLN A N    1 
ATOM   264 C CA   . GLN A 1 22 ? 9.296   6.550   10.732  1.00 0.80  ? 66 GLN A CA   1 
ATOM   265 C C    . GLN A 1 22 ? 8.571   6.622   9.375   1.00 0.65  ? 66 GLN A C    1 
ATOM   266 O O    . GLN A 1 22 ? 8.170   7.688   8.945   1.00 0.71  ? 66 GLN A O    1 
ATOM   267 C CB   . GLN A 1 22 ? 10.350  5.433   10.746  1.00 0.90  ? 66 GLN A CB   1 
ATOM   268 C CG   . GLN A 1 22 ? 11.470  5.801   11.723  1.00 1.08  ? 66 GLN A CG   1 
ATOM   269 C CD   . GLN A 1 22 ? 12.579  4.751   11.647  1.00 1.54  ? 66 GLN A CD   1 
ATOM   270 O OE1  . GLN A 1 22 ? 12.780  4.135   10.619  1.00 2.21  ? 66 GLN A OE1  1 
ATOM   271 N NE2  . GLN A 1 22 ? 13.313  4.518   12.702  1.00 2.16  ? 66 GLN A NE2  1 
ATOM   272 H H    . GLN A 1 22 ? 8.249   6.825   12.600  1.00 1.25  ? 66 GLN A H    1 
ATOM   273 H HA   . GLN A 1 22 ? 9.773   7.496   10.939  1.00 0.94  ? 66 GLN A HA   1 
ATOM   274 H HB2  . GLN A 1 22 ? 9.890   4.506   11.059  1.00 0.92  ? 66 GLN A HB2  1 
ATOM   275 H HB3  . GLN A 1 22 ? 10.763  5.316   9.757   1.00 1.05  ? 66 GLN A HB3  1 
ATOM   276 H HG2  . GLN A 1 22 ? 11.870  6.769   11.461  1.00 1.41  ? 66 GLN A HG2  1 
ATOM   277 H HG3  . GLN A 1 22 ? 11.075  5.833   12.727  1.00 1.55  ? 66 GLN A HG3  1 
ATOM   278 H HE21 . GLN A 1 22 ? 13.150  5.014   13.531  1.00 2.45  ? 66 GLN A HE21 1 
ATOM   279 H HE22 . GLN A 1 22 ? 14.026  3.847   12.664  1.00 2.73  ? 66 GLN A HE22 1 
ATOM   280 N N    . SER A 1 23 ? 8.399   5.508   8.700   1.00 0.57  ? 67 SER A N    1 
ATOM   281 C CA   . SER A 1 23 ? 7.703   5.527   7.381   1.00 0.49  ? 67 SER A CA   1 
ATOM   282 C C    . SER A 1 23 ? 6.221   5.177   7.560   1.00 0.41  ? 67 SER A C    1 
ATOM   283 O O    . SER A 1 23 ? 5.667   5.327   8.633   1.00 0.45  ? 67 SER A O    1 
ATOM   284 C CB   . SER A 1 23 ? 8.409   4.460   6.545   1.00 0.58  ? 67 SER A CB   1 
ATOM   285 O OG   . SER A 1 23 ? 9.816   4.608   6.691   1.00 1.44  ? 67 SER A OG   1 
ATOM   286 H H    . SER A 1 23 ? 8.727   4.660   9.064   1.00 0.67  ? 67 SER A H    1 
ATOM   287 H HA   . SER A 1 23 ? 7.807   6.492   6.912   1.00 0.52  ? 67 SER A HA   1 
ATOM   288 H HB2  . SER A 1 23 ? 8.119   3.481   6.887   1.00 1.21  ? 67 SER A HB2  1 
ATOM   289 H HB3  . SER A 1 23 ? 8.132   4.574   5.506   1.00 1.17  ? 67 SER A HB3  1 
ATOM   290 H HG   . SER A 1 23 ? 10.234  4.265   5.897   1.00 1.68  ? 67 SER A HG   1 
ATOM   291 N N    . TYR A 1 24 ? 5.580   4.711   6.518   1.00 0.38  ? 68 TYR A N    1 
ATOM   292 C CA   . TYR A 1 24 ? 4.135   4.346   6.620   1.00 0.34  ? 68 TYR A CA   1 
ATOM   293 C C    . TYR A 1 24 ? 3.906   2.933   6.085   1.00 0.42  ? 68 TYR A C    1 
ATOM   294 O O    . TYR A 1 24 ? 4.844   2.198   5.834   1.00 0.50  ? 68 TYR A O    1 
ATOM   295 C CB   . TYR A 1 24 ? 3.392   5.385   5.768   1.00 0.30  ? 68 TYR A CB   1 
ATOM   296 C CG   . TYR A 1 24 ? 3.879   5.331   4.335   1.00 0.38  ? 68 TYR A CG   1 
ATOM   297 C CD1  . TYR A 1 24 ? 5.004   6.070   3.951   1.00 1.34  ? 68 TYR A CD1  1 
ATOM   298 C CD2  . TYR A 1 24 ? 3.204   4.544   3.396   1.00 1.18  ? 68 TYR A CD2  1 
ATOM   299 C CE1  . TYR A 1 24 ? 5.454   6.021   2.626   1.00 1.40  ? 68 TYR A CE1  1 
ATOM   300 C CE2  . TYR A 1 24 ? 3.654   4.494   2.071   1.00 1.21  ? 68 TYR A CE2  1 
ATOM   301 C CZ   . TYR A 1 24 ? 4.779   5.234   1.685   1.00 0.61  ? 68 TYR A CZ   1 
ATOM   302 O OH   . TYR A 1 24 ? 5.222   5.186   0.379   1.00 0.75  ? 68 TYR A OH   1 
ATOM   303 H H    . TYR A 1 24 ? 6.052   4.599   5.667   1.00 0.45  ? 68 TYR A H    1 
ATOM   304 H HA   . TYR A 1 24 ? 3.804   4.408   7.644   1.00 0.36  ? 68 TYR A HA   1 
ATOM   305 H HB2  . TYR A 1 24 ? 2.332   5.175   5.793   1.00 0.30  ? 68 TYR A HB2  1 
ATOM   306 H HB3  . TYR A 1 24 ? 3.571   6.371   6.170   1.00 0.31  ? 68 TYR A HB3  1 
ATOM   307 H HD1  . TYR A 1 24 ? 5.526   6.678   4.674   1.00 2.21  ? 68 TYR A HD1  1 
ATOM   308 H HD2  . TYR A 1 24 ? 2.335   3.974   3.693   1.00 2.06  ? 68 TYR A HD2  1 
ATOM   309 H HE1  . TYR A 1 24 ? 6.322   6.591   2.329   1.00 2.30  ? 68 TYR A HE1  1 
ATOM   310 H HE2  . TYR A 1 24 ? 3.133   3.887   1.346   1.00 2.07  ? 68 TYR A HE2  1 
ATOM   311 H HH   . TYR A 1 24 ? 6.044   4.690   0.363   1.00 1.14  ? 68 TYR A HH   1 
ATOM   312 N N    . ILE A 1 25 ? 2.668   2.545   5.921   1.00 0.42  ? 69 ILE A N    1 
ATOM   313 C CA   . ILE A 1 25 ? 2.376   1.172   5.415   1.00 0.52  ? 69 ILE A CA   1 
ATOM   314 C C    . ILE A 1 25 ? 1.086   1.161   4.586   1.00 0.51  ? 69 ILE A C    1 
ATOM   315 O O    . ILE A 1 25 ? 0.093   1.758   4.957   1.00 0.49  ? 69 ILE A O    1 
ATOM   316 C CB   . ILE A 1 25 ? 2.235   0.326   6.684   1.00 0.62  ? 69 ILE A CB   1 
ATOM   317 C CG1  . ILE A 1 25 ? 2.006   -1.139  6.306   1.00 0.73  ? 69 ILE A CG1  1 
ATOM   318 C CG2  . ILE A 1 25 ? 1.057   0.830   7.526   1.00 0.60  ? 69 ILE A CG2  1 
ATOM   319 C CD1  . ILE A 1 25 ? 2.744   -2.039  7.298   1.00 0.85  ? 69 ILE A CD1  1 
ATOM   320 H H    . ILE A 1 25 ? 1.931   3.154   6.141   1.00 0.37  ? 69 ILE A H    1 
ATOM   321 H HA   . ILE A 1 25 ? 3.203   0.809   4.826   1.00 0.57  ? 69 ILE A HA   1 
ATOM   322 H HB   . ILE A 1 25 ? 3.143   0.409   7.265   1.00 0.63  ? 69 ILE A HB   1 
ATOM   323 H HG12 . ILE A 1 25 ? 0.948   -1.358  6.337   1.00 0.75  ? 69 ILE A HG12 1 
ATOM   324 H HG13 . ILE A 1 25 ? 2.382   -1.319  5.310   1.00 0.74  ? 69 ILE A HG13 1 
ATOM   325 H HG21 . ILE A 1 25 ? 1.195   1.878   7.748   1.00 1.23  ? 69 ILE A HG21 1 
ATOM   326 H HG22 . ILE A 1 25 ? 0.138   0.696   6.975   1.00 1.17  ? 69 ILE A HG22 1 
ATOM   327 H HG23 . ILE A 1 25 ? 1.009   0.269   8.449   1.00 1.15  ? 69 ILE A HG23 1 
ATOM   328 H HD11 . ILE A 1 25 ? 2.926   -1.494  8.215   1.00 1.38  ? 69 ILE A HD11 1 
ATOM   329 H HD12 . ILE A 1 25 ? 2.143   -2.911  7.511   1.00 1.14  ? 69 ILE A HD12 1 
ATOM   330 H HD13 . ILE A 1 25 ? 3.687   -2.347  6.871   1.00 1.43  ? 69 ILE A HD13 1 
ATOM   331 N N    . CYS A 1 26 ? 1.101   0.483   3.465   1.00 0.59  ? 70 CYS A N    1 
ATOM   332 C CA   . CYS A 1 26 ? -0.117  0.422   2.603   1.00 0.60  ? 70 CYS A CA   1 
ATOM   333 C C    . CYS A 1 26 ? -0.823  -0.924  2.783   1.00 0.60  ? 70 CYS A C    1 
ATOM   334 O O    . CYS A 1 26 ? -0.310  -1.959  2.401   1.00 0.68  ? 70 CYS A O    1 
ATOM   335 C CB   . CYS A 1 26 ? 0.401   0.558   1.169   1.00 0.62  ? 70 CYS A CB   1 
ATOM   336 S SG   . CYS A 1 26 ? 0.800   2.291   0.823   1.00 0.70  ? 70 CYS A SG   1 
ATOM   337 H H    . CYS A 1 26 ? 1.915   0.013   3.192   1.00 0.68  ? 70 CYS A H    1 
ATOM   338 H HA   . CYS A 1 26 ? -0.785  1.235   2.833   1.00 0.63  ? 70 CYS A HA   1 
ATOM   339 H HB2  . CYS A 1 26 ? 1.289   -0.045  1.050   1.00 0.63  ? 70 CYS A HB2  1 
ATOM   340 H HB3  . CYS A 1 26 ? -0.358  0.219   0.478   1.00 0.62  ? 70 CYS A HB3  1 
ATOM   341 N N    . PHE A 1 27 ? -1.999  -0.915  3.358   1.00 0.57  ? 71 PHE A N    1 
ATOM   342 C CA   . PHE A 1 27 ? -2.748  -2.191  3.562   1.00 0.62  ? 71 PHE A CA   1 
ATOM   343 C C    . PHE A 1 27 ? -3.633  -2.471  2.345   1.00 0.69  ? 71 PHE A C    1 
ATOM   344 O O    . PHE A 1 27 ? -4.559  -1.736  2.060   1.00 0.74  ? 71 PHE A O    1 
ATOM   345 C CB   . PHE A 1 27 ? -3.602  -1.958  4.809   1.00 0.69  ? 71 PHE A CB   1 
ATOM   346 C CG   . PHE A 1 27 ? -2.752  -2.135  6.043   1.00 0.58  ? 71 PHE A CG   1 
ATOM   347 C CD1  . PHE A 1 27 ? -2.490  -3.420  6.534   1.00 1.33  ? 71 PHE A CD1  1 
ATOM   348 C CD2  . PHE A 1 27 ? -2.224  -1.016  6.698   1.00 1.24  ? 71 PHE A CD2  1 
ATOM   349 C CE1  . PHE A 1 27 ? -1.701  -3.586  7.679   1.00 1.33  ? 71 PHE A CE1  1 
ATOM   350 C CE2  . PHE A 1 27 ? -1.436  -1.180  7.842   1.00 1.24  ? 71 PHE A CE2  1 
ATOM   351 C CZ   . PHE A 1 27 ? -1.174  -2.465  8.333   1.00 0.58  ? 71 PHE A CZ   1 
ATOM   352 H H    . PHE A 1 27 ? -2.392  -0.068  3.653   1.00 0.58  ? 71 PHE A H    1 
ATOM   353 H HA   . PHE A 1 27 ? -2.064  -3.009  3.729   1.00 0.61  ? 71 PHE A HA   1 
ATOM   354 H HB2  . PHE A 1 27 ? -4.001  -0.954  4.787   1.00 0.77  ? 71 PHE A HB2  1 
ATOM   355 H HB3  . PHE A 1 27 ? -4.414  -2.668  4.826   1.00 0.82  ? 71 PHE A HB3  1 
ATOM   356 H HD1  . PHE A 1 27 ? -2.896  -4.285  6.029   1.00 2.18  ? 71 PHE A HD1  1 
ATOM   357 H HD2  . PHE A 1 27 ? -2.427  -0.024  6.319   1.00 2.08  ? 71 PHE A HD2  1 
ATOM   358 H HE1  . PHE A 1 27 ? -1.499  -4.576  8.057   1.00 2.18  ? 71 PHE A HE1  1 
ATOM   359 H HE2  . PHE A 1 27 ? -1.030  -0.317  8.347   1.00 2.09  ? 71 PHE A HE2  1 
ATOM   360 H HZ   . PHE A 1 27 ? -0.566  -2.592  9.216   1.00 0.65  ? 71 PHE A HZ   1 
ATOM   361 N N    . CYS A 1 28 ? -3.347  -3.524  1.621   1.00 0.74  ? 72 CYS A N    1 
ATOM   362 C CA   . CYS A 1 28 ? -4.164  -3.851  0.415   1.00 0.84  ? 72 CYS A CA   1 
ATOM   363 C C    . CYS A 1 28 ? -4.673  -5.292  0.481   1.00 0.63  ? 72 CYS A C    1 
ATOM   364 O O    . CYS A 1 28 ? -4.577  -5.948  1.500   1.00 0.59  ? 72 CYS A O    1 
ATOM   365 C CB   . CYS A 1 28 ? -3.209  -3.676  -0.766  1.00 0.92  ? 72 CYS A CB   1 
ATOM   366 S SG   . CYS A 1 28 ? -2.690  -1.945  -0.873  1.00 1.43  ? 72 CYS A SG   1 
ATOM   367 H H    . CYS A 1 28 ? -2.592  -4.096  1.869   1.00 0.76  ? 72 CYS A H    1 
ATOM   368 H HA   . CYS A 1 28 ? -4.991  -3.164  0.321   1.00 1.10  ? 72 CYS A HA   1 
ATOM   369 H HB2  . CYS A 1 28 ? -2.342  -4.302  -0.624  1.00 0.80  ? 72 CYS A HB2  1 
ATOM   370 H HB3  . CYS A 1 28 ? -3.710  -3.959  -1.680  1.00 0.97  ? 72 CYS A HB3  1 
ATOM   371 N N    . LEU A 1 29 ? -5.211  -5.782  -0.605  1.00 0.61  ? 73 LEU A N    1 
ATOM   372 C CA   . LEU A 1 29 ? -5.733  -7.180  -0.629  1.00 0.63  ? 73 LEU A CA   1 
ATOM   373 C C    . LEU A 1 29 ? -4.586  -8.169  -0.894  1.00 0.50  ? 73 LEU A C    1 
ATOM   374 O O    . LEU A 1 29 ? -3.533  -7.775  -1.356  1.00 0.36  ? 73 LEU A O    1 
ATOM   375 C CB   . LEU A 1 29 ? -6.742  -7.202  -1.780  1.00 0.77  ? 73 LEU A CB   1 
ATOM   376 C CG   . LEU A 1 29 ? -7.887  -6.231  -1.475  1.00 0.89  ? 73 LEU A CG   1 
ATOM   377 C CD1  . LEU A 1 29 ? -8.341  -5.551  -2.769  1.00 1.02  ? 73 LEU A CD1  1 
ATOM   378 C CD2  . LEU A 1 29 ? -9.061  -7.000  -0.865  1.00 1.15  ? 73 LEU A CD2  1 
ATOM   379 H H    . LEU A 1 29 ? -5.271  -5.226  -1.410  1.00 0.69  ? 73 LEU A H    1 
ATOM   380 H HA   . LEU A 1 29 ? -6.227  -7.414  0.301   1.00 0.80  ? 73 LEU A HA   1 
ATOM   381 H HB2  . LEU A 1 29 ? -6.248  -6.904  -2.694  1.00 0.76  ? 73 LEU A HB2  1 
ATOM   382 H HB3  . LEU A 1 29 ? -7.137  -8.200  -1.894  1.00 0.86  ? 73 LEU A HB3  1 
ATOM   383 H HG   . LEU A 1 29 ? -7.546  -5.480  -0.777  1.00 0.97  ? 73 LEU A HG   1 
ATOM   384 H HD11 . LEU A 1 29 ? -8.119  -6.192  -3.610  1.00 1.47  ? 73 LEU A HD11 1 
ATOM   385 H HD12 . LEU A 1 29 ? -9.405  -5.371  -2.726  1.00 1.47  ? 73 LEU A HD12 1 
ATOM   386 H HD13 . LEU A 1 29 ? -7.821  -4.612  -2.884  1.00 1.51  ? 73 LEU A HD13 1 
ATOM   387 H HD21 . LEU A 1 29 ? -9.110  -7.988  -1.301  1.00 1.41  ? 73 LEU A HD21 1 
ATOM   388 H HD22 . LEU A 1 29 ? -8.921  -7.085  0.202   1.00 1.59  ? 73 LEU A HD22 1 
ATOM   389 H HD23 . LEU A 1 29 ? -9.982  -6.473  -1.068  1.00 1.76  ? 73 LEU A HD23 1 
ATOM   390 N N    . PRO A 1 30 ? -4.819  -9.431  -0.597  1.00 0.76  ? 74 PRO A N    1 
ATOM   391 C CA   . PRO A 1 30 ? -3.769  -10.458 -0.818  1.00 0.91  ? 74 PRO A CA   1 
ATOM   392 C C    . PRO A 1 30 ? -3.495  -10.650 -2.315  1.00 0.82  ? 74 PRO A C    1 
ATOM   393 O O    . PRO A 1 30 ? -2.480  -11.201 -2.697  1.00 0.94  ? 74 PRO A O    1 
ATOM   394 C CB   . PRO A 1 30 ? -4.364  -11.722 -0.198  1.00 1.26  ? 74 PRO A CB   1 
ATOM   395 C CG   . PRO A 1 30 ? -5.840  -11.501 -0.227  1.00 1.30  ? 74 PRO A CG   1 
ATOM   396 C CD   . PRO A 1 30 ? -6.051  -10.022 -0.048  1.00 1.06  ? 74 PRO A CD   1 
ATOM   397 H HA   . PRO A 1 30 ? -2.862  -10.189 -0.301  1.00 0.94  ? 74 PRO A HA   1 
ATOM   398 H HB2  . PRO A 1 30 ? -4.097  -12.590 -0.785  1.00 1.39  ? 74 PRO A HB2  1 
ATOM   399 H HB3  . PRO A 1 30 ? -4.028  -11.837 0.821   1.00 1.38  ? 74 PRO A HB3  1 
ATOM   400 H HG2  . PRO A 1 30 ? -6.244  -11.824 -1.178  1.00 1.31  ? 74 PRO A HG2  1 
ATOM   401 H HG3  . PRO A 1 30 ? -6.313  -12.038 0.580   1.00 1.53  ? 74 PRO A HG3  1 
ATOM   402 H HD2  . PRO A 1 30 ? -6.918  -9.694  -0.603  1.00 1.10  ? 74 PRO A HD2  1 
ATOM   403 H HD3  . PRO A 1 30 ? -6.149  -9.776  0.998   1.00 1.12  ? 74 PRO A HD3  1 
ATOM   404 N N    . ALA A 1 31 ? -4.386  -10.195 -3.165  1.00 0.67  ? 75 ALA A N    1 
ATOM   405 C CA   . ALA A 1 31 ? -4.168  -10.348 -4.634  1.00 0.60  ? 75 ALA A CA   1 
ATOM   406 C C    . ALA A 1 31 ? -3.410  -9.138  -5.200  1.00 0.50  ? 75 ALA A C    1 
ATOM   407 O O    . ALA A 1 31 ? -3.346  -8.952  -6.402  1.00 0.59  ? 75 ALA A O    1 
ATOM   408 C CB   . ALA A 1 31 ? -5.572  -10.429 -5.234  1.00 0.62  ? 75 ALA A CB   1 
ATOM   409 H H    . ALA A 1 31 ? -5.196  -9.751  -2.839  1.00 0.67  ? 75 ALA A H    1 
ATOM   410 H HA   . ALA A 1 31 ? -3.629  -11.258 -4.841  1.00 0.65  ? 75 ALA A HA   1 
ATOM   411 H HB1  . ALA A 1 31 ? -6.255  -10.832 -4.501  1.00 1.26  ? 75 ALA A HB1  1 
ATOM   412 H HB2  . ALA A 1 31 ? -5.898  -9.440  -5.522  1.00 1.17  ? 75 ALA A HB2  1 
ATOM   413 H HB3  . ALA A 1 31 ? -5.556  -11.070 -6.103  1.00 1.16  ? 75 ALA A HB3  1 
ATOM   414 N N    . PHE A 1 32 ? -2.836  -8.313  -4.353  1.00 0.43  ? 76 PHE A N    1 
ATOM   415 C CA   . PHE A 1 32 ? -2.085  -7.123  -4.854  1.00 0.36  ? 76 PHE A CA   1 
ATOM   416 C C    . PHE A 1 32 ? -0.645  -7.147  -4.332  1.00 0.41  ? 76 PHE A C    1 
ATOM   417 O O    . PHE A 1 32 ? -0.360  -7.725  -3.301  1.00 0.55  ? 76 PHE A O    1 
ATOM   418 C CB   . PHE A 1 32 ? -2.837  -5.914  -4.295  1.00 0.32  ? 76 PHE A CB   1 
ATOM   419 C CG   . PHE A 1 32 ? -4.052  -5.639  -5.145  1.00 0.36  ? 76 PHE A CG   1 
ATOM   420 C CD1  . PHE A 1 32 ? -5.181  -6.458  -5.035  1.00 1.28  ? 76 PHE A CD1  1 
ATOM   421 C CD2  . PHE A 1 32 ? -4.049  -4.567  -6.046  1.00 1.26  ? 76 PHE A CD2  1 
ATOM   422 C CE1  . PHE A 1 32 ? -6.309  -6.205  -5.824  1.00 1.31  ? 76 PHE A CE1  1 
ATOM   423 C CE2  . PHE A 1 32 ? -5.177  -4.314  -6.834  1.00 1.30  ? 76 PHE A CE2  1 
ATOM   424 C CZ   . PHE A 1 32 ? -6.306  -5.133  -6.724  1.00 0.54  ? 76 PHE A CZ   1 
ATOM   425 H H    . PHE A 1 32 ? -2.895  -8.477  -3.387  1.00 0.51  ? 76 PHE A H    1 
ATOM   426 H HA   . PHE A 1 32 ? -2.095  -7.096  -5.932  1.00 0.37  ? 76 PHE A HA   1 
ATOM   427 H HB2  . PHE A 1 32 ? -3.146  -6.120  -3.281  1.00 0.35  ? 76 PHE A HB2  1 
ATOM   428 H HB3  . PHE A 1 32 ? -2.189  -5.049  -4.305  1.00 0.30  ? 76 PHE A HB3  1 
ATOM   429 H HD1  . PHE A 1 32 ? -5.183  -7.286  -4.341  1.00 2.18  ? 76 PHE A HD1  1 
ATOM   430 H HD2  . PHE A 1 32 ? -3.178  -3.936  -6.131  1.00 2.15  ? 76 PHE A HD2  1 
ATOM   431 H HE1  . PHE A 1 32 ? -7.179  -6.837  -5.738  1.00 2.20  ? 76 PHE A HE1  1 
ATOM   432 H HE2  . PHE A 1 32 ? -5.175  -3.487  -7.529  1.00 2.20  ? 76 PHE A HE2  1 
ATOM   433 H HZ   . PHE A 1 32 ? -7.178  -4.938  -7.333  1.00 0.63  ? 76 PHE A HZ   1 
ATOM   434 N N    . GLU A 1 33 ? 0.262   -6.526  -5.043  1.00 0.37  ? 77 GLU A N    1 
ATOM   435 C CA   . GLU A 1 33 ? 1.688   -6.510  -4.597  1.00 0.46  ? 77 GLU A CA   1 
ATOM   436 C C    . GLU A 1 33 ? 2.348   -5.180  -4.974  1.00 0.45  ? 77 GLU A C    1 
ATOM   437 O O    . GLU A 1 33 ? 1.765   -4.361  -5.661  1.00 0.38  ? 77 GLU A O    1 
ATOM   438 C CB   . GLU A 1 33 ? 2.349   -7.666  -5.347  1.00 0.55  ? 77 GLU A CB   1 
ATOM   439 C CG   . GLU A 1 33 ? 3.381   -8.341  -4.439  1.00 1.22  ? 77 GLU A CG   1 
ATOM   440 C CD   . GLU A 1 33 ? 3.800   -9.679  -5.048  1.00 1.85  ? 77 GLU A CD   1 
ATOM   441 O OE1  . GLU A 1 33 ? 4.336   -9.668  -6.145  1.00 2.54  ? 77 GLU A OE1  1 
ATOM   442 O OE2  . GLU A 1 33 ? 3.578   -10.695 -4.409  1.00 2.30  ? 77 GLU A OE2  1 
ATOM   443 H H    . GLU A 1 33 ? 0.005   -6.070  -5.871  1.00 0.33  ? 77 GLU A H    1 
ATOM   444 H HA   . GLU A 1 33 ? 1.753   -6.676  -3.534  1.00 0.53  ? 77 GLU A HA   1 
ATOM   445 H HB2  . GLU A 1 33 ? 1.596   -8.387  -5.634  1.00 0.94  ? 77 GLU A HB2  1 
ATOM   446 H HB3  . GLU A 1 33 ? 2.844   -7.290  -6.229  1.00 0.85  ? 77 GLU A HB3  1 
ATOM   447 H HG2  . GLU A 1 33 ? 4.246   -7.702  -4.341  1.00 1.80  ? 77 GLU A HG2  1 
ATOM   448 H HG3  . GLU A 1 33 ? 2.947   -8.511  -3.466  1.00 1.71  ? 77 GLU A HG3  1 
ATOM   449 N N    . GLY A 1 34 ? 3.558   -4.963  -4.525  1.00 0.58  ? 78 GLY A N    1 
ATOM   450 C CA   . GLY A 1 34 ? 4.267   -3.689  -4.850  1.00 0.63  ? 78 GLY A CA   1 
ATOM   451 C C    . GLY A 1 34 ? 4.386   -2.835  -3.588  1.00 0.69  ? 78 GLY A C    1 
ATOM   452 O O    . GLY A 1 34 ? 3.594   -2.952  -2.672  1.00 0.70  ? 78 GLY A O    1 
ATOM   453 H H    . GLY A 1 34 ? 4.003   -5.640  -3.975  1.00 0.67  ? 78 GLY A H    1 
ATOM   454 H HA2  . GLY A 1 34 ? 5.254   -3.914  -5.230  1.00 0.75  ? 78 GLY A HA2  1 
ATOM   455 H HA3  . GLY A 1 34 ? 3.707   -3.146  -5.597  1.00 0.55  ? 78 GLY A HA3  1 
ATOM   456 N N    . ARG A 1 35 ? 5.372   -1.975  -3.533  1.00 0.83  ? 79 ARG A N    1 
ATOM   457 C CA   . ARG A 1 35 ? 5.549   -1.105  -2.328  1.00 0.94  ? 79 ARG A CA   1 
ATOM   458 C C    . ARG A 1 35 ? 4.315   -0.219  -2.132  1.00 0.78  ? 79 ARG A C    1 
ATOM   459 O O    . ARG A 1 35 ? 3.843   -0.036  -1.026  1.00 0.91  ? 79 ARG A O    1 
ATOM   460 C CB   . ARG A 1 35 ? 6.782   -0.248  -2.626  1.00 1.11  ? 79 ARG A CB   1 
ATOM   461 C CG   . ARG A 1 35 ? 7.586   -0.044  -1.339  1.00 1.58  ? 79 ARG A CG   1 
ATOM   462 C CD   . ARG A 1 35 ? 8.490   -1.256  -1.104  1.00 2.16  ? 79 ARG A CD   1 
ATOM   463 N NE   . ARG A 1 35 ? 9.743   -0.697  -0.506  1.00 2.72  ? 79 ARG A NE   1 
ATOM   464 C CZ   . ARG A 1 35 ? 10.572  0.042   -1.216  1.00 3.45  ? 79 ARG A CZ   1 
ATOM   465 N NH1  . ARG A 1 35 ? 10.453  0.150   -2.519  1.00 3.85  ? 79 ARG A NH1  1 
ATOM   466 N NH2  . ARG A 1 35 ? 11.540  0.677   -0.611  1.00 4.21  ? 79 ARG A NH2  1 
ATOM   467 H H    . ARG A 1 35 ? 5.995   -1.902  -4.286  1.00 0.91  ? 79 ARG A H    1 
ATOM   468 H HA   . ARG A 1 35 ? 5.723   -1.709  -1.451  1.00 1.06  ? 79 ARG A HA   1 
ATOM   469 H HB2  . ARG A 1 35 ? 7.397   -0.746  -3.360  1.00 1.40  ? 79 ARG A HB2  1 
ATOM   470 H HB3  . ARG A 1 35 ? 6.469   0.712   -3.008  1.00 1.46  ? 79 ARG A HB3  1 
ATOM   471 H HG2  . ARG A 1 35 ? 8.190   0.847   -1.431  1.00 2.11  ? 79 ARG A HG2  1 
ATOM   472 H HG3  . ARG A 1 35 ? 6.908   0.066   -0.505  1.00 1.89  ? 79 ARG A HG3  1 
ATOM   473 H HD2  . ARG A 1 35 ? 8.020   -1.946  -0.416  1.00 2.53  ? 79 ARG A HD2  1 
ATOM   474 H HD3  . ARG A 1 35 ? 8.714   -1.747  -2.038  1.00 2.58  ? 79 ARG A HD3  1 
ATOM   475 H HE   . ARG A 1 35 ? 9.951   -0.884  0.432   1.00 2.94  ? 79 ARG A HE   1 
ATOM   476 H HH11 . ARG A 1 35 ? 9.724   -0.335  -3.002  1.00 3.70  ? 79 ARG A HH11 1 
ATOM   477 H HH12 . ARG A 1 35 ? 11.097  0.718   -3.032  1.00 4.57  ? 79 ARG A HH12 1 
ATOM   478 H HH21 . ARG A 1 35 ? 11.645  0.598   0.380   1.00 4.39  ? 79 ARG A HH21 1 
ATOM   479 H HH22 . ARG A 1 35 ? 12.175  1.240   -1.139  1.00 4.82  ? 79 ARG A HH22 1 
ATOM   480 N N    . ASN A 1 36 ? 3.793   0.324   -3.200  1.00 0.59  ? 80 ASN A N    1 
ATOM   481 C CA   . ASN A 1 36 ? 2.587   1.197   -3.092  1.00 0.50  ? 80 ASN A CA   1 
ATOM   482 C C    . ASN A 1 36 ? 1.369   0.480   -3.679  1.00 0.41  ? 80 ASN A C    1 
ATOM   483 O O    . ASN A 1 36 ? 0.461   1.101   -4.197  1.00 0.44  ? 80 ASN A O    1 
ATOM   484 C CB   . ASN A 1 36 ? 2.923   2.444   -3.910  1.00 0.54  ? 80 ASN A CB   1 
ATOM   485 C CG   . ASN A 1 36 ? 3.807   3.376   -3.080  1.00 0.60  ? 80 ASN A CG   1 
ATOM   486 O OD1  . ASN A 1 36 ? 4.856   3.795   -3.528  1.00 0.84  ? 80 ASN A OD1  1 
ATOM   487 N ND2  . ASN A 1 36 ? 3.425   3.723   -1.882  1.00 0.53  ? 80 ASN A ND2  1 
ATOM   488 H H    . ASN A 1 36 ? 4.195   0.156   -4.079  1.00 0.60  ? 80 ASN A H    1 
ATOM   489 H HA   . ASN A 1 36 ? 2.407   1.467   -2.063  1.00 0.56  ? 80 ASN A HA   1 
ATOM   490 H HB2  . ASN A 1 36 ? 3.448   2.153   -4.809  1.00 0.59  ? 80 ASN A HB2  1 
ATOM   491 H HB3  . ASN A 1 36 ? 2.012   2.956   -4.176  1.00 0.57  ? 80 ASN A HB3  1 
ATOM   492 H HD21 . ASN A 1 36 ? 2.577   3.386   -1.522  1.00 0.52  ? 80 ASN A HD21 1 
ATOM   493 H HD22 . ASN A 1 36 ? 3.984   4.321   -1.343  1.00 0.59  ? 80 ASN A HD22 1 
ATOM   494 N N    . CYS A 1 37 ? 1.350   -0.831  -3.605  1.00 0.35  ? 81 CYS A N    1 
ATOM   495 C CA   . CYS A 1 37 ? 0.198   -1.618  -4.157  1.00 0.30  ? 81 CYS A CA   1 
ATOM   496 C C    . CYS A 1 37 ? -0.059  -1.245  -5.623  1.00 0.35  ? 81 CYS A C    1 
ATOM   497 O O    . CYS A 1 37 ? -1.156  -0.873  -5.995  1.00 0.46  ? 81 CYS A O    1 
ATOM   498 C CB   . CYS A 1 37 ? -1.007  -1.253  -3.285  1.00 0.36  ? 81 CYS A CB   1 
ATOM   499 S SG   . CYS A 1 37 ? -0.834  -2.031  -1.661  1.00 0.44  ? 81 CYS A SG   1 
ATOM   500 H H    . CYS A 1 37 ? 2.097   -1.301  -3.184  1.00 0.38  ? 81 CYS A H    1 
ATOM   501 H HA   . CYS A 1 37 ? 0.398   -2.675  -4.075  1.00 0.28  ? 81 CYS A HA   1 
ATOM   502 H HB2  . CYS A 1 37 ? -1.054  -0.180  -3.166  1.00 0.49  ? 81 CYS A HB2  1 
ATOM   503 H HB3  . CYS A 1 37 ? -1.914  -1.601  -3.758  1.00 0.43  ? 81 CYS A HB3  1 
ATOM   504 N N    . GLU A 1 38 ? 0.947   -1.344  -6.453  1.00 0.42  ? 82 GLU A N    1 
ATOM   505 C CA   . GLU A 1 38 ? 0.774   -1.001  -7.896  1.00 0.53  ? 82 GLU A CA   1 
ATOM   506 C C    . GLU A 1 38 ? 1.075   -2.221  -8.776  1.00 0.62  ? 82 GLU A C    1 
ATOM   507 O O    . GLU A 1 38 ? 1.457   -2.086  -9.923  1.00 0.92  ? 82 GLU A O    1 
ATOM   508 C CB   . GLU A 1 38 ? 1.779   0.125   -8.167  1.00 0.59  ? 82 GLU A CB   1 
ATOM   509 C CG   . GLU A 1 38 ? 3.201   -0.349  -7.846  1.00 0.63  ? 82 GLU A CG   1 
ATOM   510 C CD   . GLU A 1 38 ? 4.212   0.668   -8.375  1.00 0.98  ? 82 GLU A CD   1 
ATOM   511 O OE1  . GLU A 1 38 ? 4.046   1.107   -9.501  1.00 1.61  ? 82 GLU A OE1  1 
ATOM   512 O OE2  . GLU A 1 38 ? 5.135   0.992   -7.646  1.00 1.61  ? 82 GLU A OE2  1 
ATOM   513 H H    . GLU A 1 38 ? 1.820   -1.647  -6.125  1.00 0.48  ? 82 GLU A H    1 
ATOM   514 H HA   . GLU A 1 38 ? -0.229  -0.647  -8.077  1.00 0.57  ? 82 GLU A HA   1 
ATOM   515 H HB2  . GLU A 1 38 ? 1.724   0.412   -9.206  1.00 0.69  ? 82 GLU A HB2  1 
ATOM   516 H HB3  . GLU A 1 38 ? 1.539   0.976   -7.547  1.00 0.57  ? 82 GLU A HB3  1 
ATOM   517 H HG2  . GLU A 1 38 ? 3.314   -0.447  -6.776  1.00 0.88  ? 82 GLU A HG2  1 
ATOM   518 H HG3  . GLU A 1 38 ? 3.376   -1.306  -8.315  1.00 0.80  ? 82 GLU A HG3  1 
ATOM   519 N N    . THR A 1 39 ? 0.904   -3.406  -8.243  1.00 0.49  ? 83 THR A N    1 
ATOM   520 C CA   . THR A 1 39 ? 1.176   -4.638  -9.044  1.00 0.59  ? 83 THR A CA   1 
ATOM   521 C C    . THR A 1 39 ? 0.056   -5.660  -8.840  1.00 0.52  ? 83 THR A C    1 
ATOM   522 O O    . THR A 1 39 ? 0.131   -6.509  -7.972  1.00 0.73  ? 83 THR A O    1 
ATOM   523 C CB   . THR A 1 39 ? 2.500   -5.177  -8.499  1.00 0.68  ? 83 THR A CB   1 
ATOM   524 O OG1  . THR A 1 39 ? 3.474   -4.142  -8.516  1.00 1.01  ? 83 THR A OG1  1 
ATOM   525 C CG2  . THR A 1 39 ? 2.976   -6.342  -9.369  1.00 0.81  ? 83 THR A CG2  1 
ATOM   526 H H    . THR A 1 39 ? 0.595   -3.486  -7.318  1.00 0.50  ? 83 THR A H    1 
ATOM   527 H HA   . THR A 1 39 ? 1.280   -4.393  -10.089 1.00 0.71  ? 83 THR A HA   1 
ATOM   528 H HB   . THR A 1 39 ? 2.360   -5.524  -7.486  1.00 0.85  ? 83 THR A HB   1 
ATOM   529 H HG1  . THR A 1 39 ? 4.145   -4.356  -7.862  1.00 1.38  ? 83 THR A HG1  1 
ATOM   530 H HG21 . THR A 1 39 ? 2.120   -6.846  -9.795  1.00 1.23  ? 83 THR A HG21 1 
ATOM   531 H HG22 . THR A 1 39 ? 3.603   -5.965  -10.164 1.00 1.48  ? 83 THR A HG22 1 
ATOM   532 H HG23 . THR A 1 39 ? 3.540   -7.036  -8.764  1.00 1.32  ? 83 THR A HG23 1 
ATOM   533 N N    . HIS A 1 40 ? -0.981  -5.580  -9.635  1.00 0.56  ? 84 HIS A N    1 
ATOM   534 C CA   . HIS A 1 40 ? -2.117  -6.545  -9.493  1.00 0.58  ? 84 HIS A CA   1 
ATOM   535 C C    . HIS A 1 40 ? -1.625  -7.976  -9.736  1.00 0.66  ? 84 HIS A C    1 
ATOM   536 O O    . HIS A 1 40 ? -1.132  -8.299  -10.801 1.00 0.99  ? 84 HIS A O    1 
ATOM   537 C CB   . HIS A 1 40 ? -3.130  -6.139  -10.566 1.00 0.77  ? 84 HIS A CB   1 
ATOM   538 C CG   . HIS A 1 40 ? -4.522  -6.405  -10.065 1.00 0.79  ? 84 HIS A CG   1 
ATOM   539 N ND1  . HIS A 1 40 ? -5.583  -5.556  -10.345 1.00 1.37  ? 84 HIS A ND1  1 
ATOM   540 C CD2  . HIS A 1 40 ? -5.046  -7.419  -9.301  1.00 1.11  ? 84 HIS A CD2  1 
ATOM   541 C CE1  . HIS A 1 40 ? -6.679  -6.072  -9.759  1.00 1.75  ? 84 HIS A CE1  1 
ATOM   542 N NE2  . HIS A 1 40 ? -6.408  -7.206  -9.109  1.00 1.66  ? 84 HIS A NE2  1 
ATOM   543 H H    . HIS A 1 40 ? -1.014  -4.884  -10.324 1.00 0.78  ? 84 HIS A H    1 
ATOM   544 H HA   . HIS A 1 40 ? -2.561  -6.462  -8.515  1.00 0.49  ? 84 HIS A HA   1 
ATOM   545 H HB2  . HIS A 1 40 ? -3.019  -5.087  -10.784 1.00 1.20  ? 84 HIS A HB2  1 
ATOM   546 H HB3  . HIS A 1 40 ? -2.955  -6.714  -11.462 1.00 1.04  ? 84 HIS A HB3  1 
ATOM   547 H HD1  . HIS A 1 40 ? -5.542  -4.733  -10.875 1.00 1.67  ? 84 HIS A HD1  1 
ATOM   548 H HD2  . HIS A 1 40 ? -4.484  -8.254  -8.908  1.00 1.29  ? 84 HIS A HD2  1 
ATOM   549 H HE1  . HIS A 1 40 ? -7.660  -5.622  -9.808  1.00 2.28  ? 84 HIS A HE1  1 
ATOM   550 N N    . LYS A 1 41 ? -1.759  -8.832  -8.754  1.00 0.58  ? 85 LYS A N    1 
ATOM   551 C CA   . LYS A 1 41 ? -1.302  -10.245 -8.919  1.00 0.70  ? 85 LYS A CA   1 
ATOM   552 C C    . LYS A 1 41 ? -2.385  -11.073 -9.614  1.00 0.88  ? 85 LYS A C    1 
ATOM   553 O O    . LYS A 1 41 ? -3.139  -11.784 -8.976  1.00 1.58  ? 85 LYS A O    1 
ATOM   554 C CB   . LYS A 1 41 ? -1.069  -10.754 -7.495  1.00 0.85  ? 85 LYS A CB   1 
ATOM   555 C CG   . LYS A 1 41 ? 0.036   -9.930  -6.833  1.00 1.12  ? 85 LYS A CG   1 
ATOM   556 C CD   . LYS A 1 41 ? 1.403   -10.486 -7.241  1.00 1.83  ? 85 LYS A CD   1 
ATOM   557 C CE   . LYS A 1 41 ? 1.680   -11.776 -6.468  1.00 2.57  ? 85 LYS A CE   1 
ATOM   558 N NZ   . LYS A 1 41 ? 2.987   -12.264 -6.990  1.00 3.28  ? 85 LYS A NZ   1 
ATOM   559 H H    . LYS A 1 41 ? -2.159  -8.544  -7.908  1.00 0.68  ? 85 LYS A H    1 
ATOM   560 H HA   . LYS A 1 41 ? -0.381  -10.281 -9.478  1.00 0.85  ? 85 LYS A HA   1 
ATOM   561 H HB2  . LYS A 1 41 ? -1.981  -10.658 -6.925  1.00 0.97  ? 85 LYS A HB2  1 
ATOM   562 H HB3  . LYS A 1 41 ? -0.772  -11.790 -7.528  1.00 0.93  ? 85 LYS A HB3  1 
ATOM   563 H HG2  . LYS A 1 41 ? -0.043  -8.900  -7.151  1.00 1.09  ? 85 LYS A HG2  1 
ATOM   564 H HG3  . LYS A 1 41 ? -0.067  -9.985  -5.760  1.00 1.45  ? 85 LYS A HG3  1 
ATOM   565 H HD2  . LYS A 1 41 ? 1.405   -10.693 -8.302  1.00 2.22  ? 85 LYS A HD2  1 
ATOM   566 H HD3  . LYS A 1 41 ? 2.170   -9.760  -7.013  1.00 2.31  ? 85 LYS A HD3  1 
ATOM   567 H HE2  . LYS A 1 41 ? 1.748   -11.571 -5.408  1.00 2.92  ? 85 LYS A HE2  1 
ATOM   568 H HE3  . LYS A 1 41 ? 0.909   -12.506 -6.662  1.00 2.93  ? 85 LYS A HE3  1 
ATOM   569 H HZ1  . LYS A 1 41 ? 3.678   -11.486 -6.973  1.00 3.58  ? 85 LYS A HZ1  1 
ATOM   570 H HZ2  . LYS A 1 41 ? 3.329   -13.045 -6.396  1.00 3.70  ? 85 LYS A HZ2  1 
ATOM   571 H HZ3  . LYS A 1 41 ? 2.866   -12.601 -7.965  1.00 3.61  ? 85 LYS A HZ3  1 
ATOM   572 N N    . ASP A 1 42 ? -2.465  -10.984 -10.918 1.00 1.30  ? 86 ASP A N    1 
ATOM   573 C CA   . ASP A 1 42 ? -3.497  -11.763 -11.665 1.00 1.52  ? 86 ASP A CA   1 
ATOM   574 C C    . ASP A 1 42 ? -2.871  -13.019 -12.278 1.00 1.84  ? 86 ASP A C    1 
ATOM   575 O O    . ASP A 1 42 ? -2.349  -12.989 -13.376 1.00 2.26  ? 86 ASP A O    1 
ATOM   576 C CB   . ASP A 1 42 ? -3.988  -10.818 -12.763 1.00 2.09  ? 86 ASP A CB   1 
ATOM   577 C CG   . ASP A 1 42 ? -5.488  -11.023 -12.980 1.00 2.73  ? 86 ASP A CG   1 
ATOM   578 O OD1  . ASP A 1 42 ? -6.256  -10.527 -12.172 1.00 3.39  ? 86 ASP A OD1  1 
ATOM   579 O OD2  . ASP A 1 42 ? -5.844  -11.670 -13.952 1.00 3.15  ? 86 ASP A OD2  1 
ATOM   580 H H    . ASP A 1 42 ? -1.845  -10.404 -11.406 1.00 1.91  ? 86 ASP A H    1 
ATOM   581 H HA   . ASP A 1 42 ? -4.315  -12.028 -11.014 1.00 1.71  ? 86 ASP A HA   1 
ATOM   582 H HB2  . ASP A 1 42 ? -3.801  -9.796  -12.467 1.00 2.54  ? 86 ASP A HB2  1 
ATOM   583 H HB3  . ASP A 1 42 ? -3.462  -11.029 -13.682 1.00 2.42  ? 86 ASP A HB3  1 
ATOM   584 N N    . ASP A 1 43 ? -2.922  -14.120 -11.572 1.00 2.27  ? 87 ASP A N    1 
ATOM   585 C CA   . ASP A 1 43 ? -2.333  -15.385 -12.105 1.00 3.07  ? 87 ASP A CA   1 
ATOM   586 C C    . ASP A 1 43 ? -3.415  -16.461 -12.233 1.00 3.79  ? 87 ASP A C    1 
ATOM   587 O O    . ASP A 1 43 ? -3.716  -16.922 -13.318 1.00 4.30  ? 87 ASP A O    1 
ATOM   588 C CB   . ASP A 1 43 ? -1.286  -15.800 -11.071 1.00 3.50  ? 87 ASP A CB   1 
ATOM   589 C CG   . ASP A 1 43 ? -0.028  -14.945 -11.246 1.00 4.09  ? 87 ASP A CG   1 
ATOM   590 O OD1  . ASP A 1 43 ? -0.149  -13.732 -11.193 1.00 4.64  ? 87 ASP A OD1  1 
ATOM   591 O OD2  . ASP A 1 43 ? 1.033   -15.517 -11.429 1.00 4.39  ? 87 ASP A OD2  1 
ATOM   592 H H    . ASP A 1 43 ? -3.350  -14.116 -10.691 1.00 2.38  ? 87 ASP A H    1 
ATOM   593 H HA   . ASP A 1 43 ? -1.860  -15.210 -13.057 1.00 3.38  ? 87 ASP A HA   1 
ATOM   594 H HB2  . ASP A 1 43 ? -1.684  -15.656 -10.077 1.00 3.67  ? 87 ASP A HB2  1 
ATOM   595 H HB3  . ASP A 1 43 ? -1.032  -16.840 -11.211 1.00 3.84  ? 87 ASP A HB3  1 
ATOM   596 N N    . GLY A 1 44 ? -4.000  -16.860 -11.132 1.00 4.36  ? 88 GLY A N    1 
ATOM   597 C CA   . GLY A 1 44 ? -5.064  -17.905 -11.178 1.00 5.43  ? 88 GLY A CA   1 
ATOM   598 C C    . GLY A 1 44 ? -4.445  -19.249 -11.562 1.00 6.08  ? 88 GLY A C    1 
ATOM   599 O O    . GLY A 1 44 ? -4.233  -20.106 -10.725 1.00 6.25  ? 88 GLY A O    1 
ATOM   600 H H    . GLY A 1 44 ? -3.736  -16.470 -10.272 1.00 4.35  ? 88 GLY A H    1 
ATOM   601 H HA2  . GLY A 1 44 ? -5.531  -17.985 -10.207 1.00 5.71  ? 88 GLY A HA2  1 
ATOM   602 H HA3  . GLY A 1 44 ? -5.806  -17.632 -11.914 1.00 5.81  ? 88 GLY A HA3  1 
ATOM   603 N N    . SER A 1 45 ? -4.153  -19.439 -12.824 1.00 6.79  ? 89 SER A N    1 
ATOM   604 C CA   . SER A 1 45 ? -3.545  -20.726 -13.275 1.00 7.73  ? 89 SER A CA   1 
ATOM   605 C C    . SER A 1 45 ? -2.026  -20.689 -13.087 1.00 8.27  ? 89 SER A C    1 
ATOM   606 O O    . SER A 1 45 ? -1.393  -21.706 -12.877 1.00 8.47  ? 89 SER A O    1 
ATOM   607 C CB   . SER A 1 45 ? -3.901  -20.835 -14.757 1.00 8.23  ? 89 SER A CB   1 
ATOM   608 O OG   . SER A 1 45 ? -5.258  -20.455 -14.944 1.00 8.70  ? 89 SER A OG   1 
ATOM   609 H H    . SER A 1 45 ? -4.334  -18.730 -13.478 1.00 6.88  ? 89 SER A H    1 
ATOM   610 H HA   . SER A 1 45 ? -3.973  -21.555 -12.732 1.00 7.96  ? 89 SER A HA   1 
ATOM   611 H HB2  . SER A 1 45 ? -3.266  -20.179 -15.330 1.00 8.44  ? 89 SER A HB2  1 
ATOM   612 H HB3  . SER A 1 45 ? -3.751  -21.855 -15.088 1.00 8.32  ? 89 SER A HB3  1 
ATOM   613 H HG   . SER A 1 45 ? -5.286  -19.503 -15.059 1.00 9.06  ? 89 SER A HG   1 
ATOM   614 N N    . ALA A 1 46 ? -1.436  -19.518 -13.161 1.00 8.78  ? 90 ALA A N    1 
ATOM   615 C CA   . ALA A 1 46 ? 0.049   -19.391 -12.989 1.00 9.60  ? 90 ALA A CA   1 
ATOM   616 C C    . ALA A 1 46 ? 0.790   -20.344 -13.935 1.00 9.96  ? 90 ALA A C    1 
ATOM   617 O O    . ALA A 1 46 ? 0.288   -20.576 -15.023 1.00 10.10 ? 90 ALA A O    1 
ATOM   618 C CB   . ALA A 1 46 ? 0.324   -19.763 -11.529 1.00 10.11 ? 90 ALA A CB   1 
ATOM   619 O OXT  . ALA A 1 46 ? 1.846   -20.823 -13.555 1.00 10.31 ? 90 ALA A OXT  1 
ATOM   620 H H    . ALA A 1 46 ? -1.974  -18.716 -13.330 1.00 8.78  ? 90 ALA A H    1 
ATOM   621 H HA   . ALA A 1 46 ? 0.358   -18.373 -13.170 1.00 9.81  ? 90 ALA A HA   1 
ATOM   622 H HB1  . ALA A 1 46 ? -0.523  -19.484 -10.920 1.00 10.30 ? 90 ALA A HB1  1 
ATOM   623 H HB2  . ALA A 1 46 ? 0.486   -20.829 -11.453 1.00 10.14 ? 90 ALA A HB2  1 
ATOM   624 H HB3  . ALA A 1 46 ? 1.203   -19.241 -11.184 1.00 10.48 ? 90 ALA A HB3  1 
HETATM 625 C C1   . FUC B 2 .  ? -8.055  -0.564  4.023   1.00 0.56  ? 91 FUC A C1   1 
HETATM 626 C C2   . FUC B 2 .  ? -9.491  -0.679  3.505   1.00 0.61  ? 91 FUC A C2   1 
HETATM 627 C C3   . FUC B 2 .  ? -9.457  -1.271  2.095   1.00 0.53  ? 91 FUC A C3   1 
HETATM 628 C C4   . FUC B 2 .  ? -8.788  -2.646  2.156   1.00 0.54  ? 91 FUC A C4   1 
HETATM 629 C C5   . FUC B 2 .  ? -7.367  -2.474  2.707   1.00 0.52  ? 91 FUC A C5   1 
HETATM 630 C C6   . FUC B 2 .  ? -6.620  -3.786  2.848   1.00 0.69  ? 91 FUC A C6   1 
HETATM 631 O O2   . FUC B 2 .  ? -10.103 0.603   3.484   1.00 0.75  ? 91 FUC A O2   1 
HETATM 632 O O3   . FUC B 2 .  ? -10.778 -1.391  1.586   1.00 0.61  ? 91 FUC A O3   1 
HETATM 633 O O4   . FUC B 2 .  ? -9.538  -3.514  2.993   1.00 0.66  ? 91 FUC A O4   1 
HETATM 634 O O5   . FUC B 2 .  ? -7.431  -1.858  4.024   1.00 0.55  ? 91 FUC A O5   1 
HETATM 635 H H1   . FUC B 2 .  ? -8.057  -0.204  5.066   1.00 0.68  ? 91 FUC A H1   1 
HETATM 636 H H2   . FUC B 2 .  ? -10.054 -1.356  4.163   1.00 0.70  ? 91 FUC A H2   1 
HETATM 637 H H3   . FUC B 2 .  ? -8.861  -0.613  1.446   1.00 0.53  ? 91 FUC A H3   1 
HETATM 638 H H4   . FUC B 2 .  ? -8.727  -3.059  1.140   1.00 0.59  ? 91 FUC A H4   1 
HETATM 639 H H5   . FUC B 2 .  ? -6.801  -1.801  2.049   1.00 0.47  ? 91 FUC A H5   1 
HETATM 640 H H61  . FUC B 2 .  ? -7.194  -4.478  3.478   1.00 1.09  ? 91 FUC A H61  1 
HETATM 641 H H62  . FUC B 2 .  ? -5.638  -3.609  3.310   1.00 1.32  ? 91 FUC A H62  1 
HETATM 642 H H63  . FUC B 2 .  ? -6.474  -4.240  1.857   1.00 1.31  ? 91 FUC A H63  1 
HETATM 643 H HO2  . FUC B 2 .  ? -9.563  1.206   2.970   1.00 1.24  ? 91 FUC A HO2  1 
HETATM 644 H HO3  . FUC B 2 .  ? -10.750 -1.799  0.718   1.00 0.97  ? 91 FUC A HO3  1 
HETATM 645 H HO4  . FUC B 2 .  ? -9.453  -4.415  2.673   1.00 1.16  ? 91 FUC A HO4  1 
# 
